data_6UC6
#
_entry.id   6UC6
#
_cell.length_a   71.21
_cell.length_b   73.276
_cell.length_c   76.367
_cell.angle_alpha   87.833
_cell.angle_beta   65.745
_cell.angle_gamma   66.551
#
_symmetry.space_group_name_H-M   'P 1'
#
loop_
_entity.id
_entity.type
_entity.pdbx_description
1 polymer 'Botulinum neurotoxin type B'
2 polymer JLI-H11
3 water water
#
loop_
_entity_poly.entity_id
_entity_poly.type
_entity_poly.pdbx_seq_one_letter_code
_entity_poly.pdbx_strand_id
1 'polypeptide(L)'
;GPLGSEILNNIILNLRYKDNNLIDLSGYGAKVEVYDGVELNDKNQFKLTSSANSKIRVTQNQNIIFNSVFLDFSVSFWIR
IPKYKNDGIQNYIHNEYTIINCMKNNSGWKISIRGNRIIWTLIDINGKTKSVFFEYNIREDISEYINRWFFVTITNNLNN
AKIYINGKLESNTDIKDIREVIANGEIIFKLDGDIDRTQFIWMKYFSIFNTELSQSNIEERYKIQSYSEYLKDFWGNPLM
YNKEYYMFNAGNKNSYIKLKKDSPVGEILTRSKYNQNSKYINYRDLYIGEKFIIRRKSNSQSINDDIVRKEDYIYLDFFN
LNQEWRVYTYKYFKKEEEKLFLAPISDSDEFYNTIQIKEYDEQPTYSCQLLFKKDEESTDEIGLIGIHRFYESGIVFEEY
KDYFCISKWYLKEVKRKPYNLKLGCNWQFIPKDEGWTE
;
A,B
2 'polypeptide(L)'
;MHHHHHHMASMTGGQQMGRGSQVQLVESGGGLVQPGESLRLSCGASGMSLDYYAIAWYRQAPGKEREGVSCISVSGSSAQ
YLDSVRGRFIISKDNTKSTAYLQMNSLKPEDTAVYYCAALADCAGYASLTFDFDSWGQGTQVAVSSAHHSEDPS
;
C,D
#
# COMPACT_ATOMS: atom_id res chain seq x y z
N ASN A 9 40.39 -6.52 -27.16
CA ASN A 9 40.06 -7.60 -28.08
C ASN A 9 38.72 -7.33 -28.78
N ASN A 10 38.81 -6.61 -29.91
CA ASN A 10 37.65 -6.09 -30.65
C ASN A 10 36.89 -5.00 -29.87
N ILE A 11 37.48 -4.52 -28.78
CA ILE A 11 36.83 -3.51 -27.94
C ILE A 11 37.19 -2.09 -28.37
N ILE A 12 36.18 -1.26 -28.59
CA ILE A 12 36.40 0.10 -29.05
C ILE A 12 35.93 1.13 -28.04
N LEU A 13 35.29 0.67 -26.97
CA LEU A 13 34.96 1.53 -25.85
C LEU A 13 34.88 0.71 -24.57
N ASN A 14 35.62 1.12 -23.55
CA ASN A 14 35.70 0.42 -22.27
C ASN A 14 35.58 1.40 -21.10
N LEU A 15 34.35 1.70 -20.67
CA LEU A 15 34.15 2.70 -19.61
C LEU A 15 34.40 2.13 -18.23
N ARG A 16 35.43 2.62 -17.55
CA ARG A 16 35.75 2.10 -16.24
C ARG A 16 36.02 3.22 -15.25
N TYR A 17 35.80 2.91 -13.97
CA TYR A 17 36.03 3.87 -12.89
C TYR A 17 37.51 4.08 -12.55
N LYS A 18 37.98 5.32 -12.67
CA LYS A 18 39.30 5.69 -12.20
C LYS A 18 39.28 7.09 -11.59
N ASP A 19 39.93 7.26 -10.44
CA ASP A 19 40.06 8.57 -9.80
C ASP A 19 38.74 9.32 -9.69
N ASN A 20 37.71 8.67 -9.13
CA ASN A 20 36.39 9.28 -9.00
C ASN A 20 35.78 9.72 -10.32
N ASN A 21 36.11 9.03 -11.40
CA ASN A 21 35.60 9.41 -12.70
C ASN A 21 35.37 8.21 -13.61
N LEU A 22 34.88 8.44 -14.82
CA LEU A 22 34.71 7.39 -15.81
C LEU A 22 35.60 7.64 -17.00
N ILE A 23 36.36 6.63 -17.38
CA ILE A 23 37.43 6.77 -18.36
C ILE A 23 37.33 5.67 -19.42
N ASP A 24 37.63 6.00 -20.68
CA ASP A 24 37.77 4.99 -21.72
C ASP A 24 39.11 4.29 -21.55
N LEU A 25 39.06 2.99 -21.27
CA LEU A 25 40.27 2.19 -21.14
C LEU A 25 40.55 1.37 -22.38
N SER A 26 39.85 1.69 -23.47
CA SER A 26 39.96 0.89 -24.70
C SER A 26 41.28 1.13 -25.40
N GLY A 27 41.89 2.28 -25.13
CA GLY A 27 43.14 2.64 -25.78
C GLY A 27 42.89 3.73 -26.80
N TYR A 28 41.63 3.96 -27.13
CA TYR A 28 41.30 4.93 -28.16
C TYR A 28 40.95 6.28 -27.56
N GLY A 29 40.90 6.32 -26.23
CA GLY A 29 40.71 7.56 -25.50
C GLY A 29 39.54 8.42 -25.97
N ALA A 30 38.35 7.85 -26.00
CA ALA A 30 37.16 8.67 -26.18
C ALA A 30 37.06 9.60 -24.99
N LYS A 31 36.56 10.82 -25.19
CA LYS A 31 36.43 11.71 -24.04
C LYS A 31 35.12 11.44 -23.31
N VAL A 32 35.19 11.47 -21.98
CA VAL A 32 34.06 11.09 -21.16
C VAL A 32 33.71 12.19 -20.17
N GLU A 33 32.50 12.72 -20.29
CA GLU A 33 32.05 13.83 -19.47
C GLU A 33 31.05 13.35 -18.43
N VAL A 34 31.46 13.32 -17.17
CA VAL A 34 30.57 12.87 -16.12
C VAL A 34 30.06 14.05 -15.31
N TYR A 35 28.80 14.41 -15.55
CA TYR A 35 28.19 15.56 -14.90
C TYR A 35 27.82 15.26 -13.46
N ASP A 36 27.56 16.33 -12.71
CA ASP A 36 27.44 16.30 -11.25
C ASP A 36 26.31 15.41 -10.71
N GLY A 37 25.28 15.18 -11.51
CA GLY A 37 24.14 14.39 -11.06
C GLY A 37 24.29 12.87 -11.23
N VAL A 38 25.46 12.44 -11.72
CA VAL A 38 25.73 11.01 -11.85
C VAL A 38 26.50 10.50 -10.64
N GLU A 39 25.88 9.61 -9.85
CA GLU A 39 26.55 9.08 -8.69
C GLU A 39 27.52 8.01 -9.14
N LEU A 40 28.72 8.00 -8.57
CA LEU A 40 29.76 7.05 -8.95
C LEU A 40 30.35 6.36 -7.73
N ASN A 41 30.64 5.06 -7.85
CA ASN A 41 31.40 4.42 -6.79
C ASN A 41 32.58 3.60 -7.34
N ASP A 42 33.48 3.19 -6.45
CA ASP A 42 34.64 2.41 -6.84
C ASP A 42 34.31 0.93 -7.08
N LYS A 43 33.03 0.60 -7.14
CA LYS A 43 32.63 -0.73 -7.64
C LYS A 43 32.21 -0.62 -9.10
N ASN A 44 32.58 0.48 -9.75
CA ASN A 44 32.33 0.72 -11.17
C ASN A 44 30.85 0.90 -11.50
N GLN A 45 30.07 1.22 -10.48
CA GLN A 45 28.64 1.43 -10.67
C GLN A 45 28.35 2.91 -10.86
N PHE A 46 27.48 3.23 -11.82
CA PHE A 46 27.00 4.60 -11.91
C PHE A 46 25.48 4.64 -12.04
N LYS A 47 24.90 5.72 -11.53
CA LYS A 47 23.46 5.84 -11.40
C LYS A 47 22.97 7.01 -12.22
N LEU A 48 21.99 6.77 -13.09
CA LEU A 48 21.32 7.85 -13.79
C LEU A 48 20.00 8.18 -13.11
N THR A 49 19.83 9.43 -12.71
CA THR A 49 18.62 9.83 -12.00
C THR A 49 17.78 10.76 -12.86
N SER A 50 16.68 11.23 -12.30
CA SER A 50 15.73 12.05 -13.04
C SER A 50 16.27 13.46 -13.29
N SER A 51 17.26 13.86 -12.49
CA SER A 51 17.83 15.20 -12.56
C SER A 51 18.38 15.54 -13.94
N ALA A 52 18.30 16.82 -14.27
CA ALA A 52 18.80 17.34 -15.53
C ALA A 52 20.31 17.16 -15.65
N ASN A 53 21.01 17.16 -14.52
CA ASN A 53 22.46 17.05 -14.53
C ASN A 53 22.97 15.61 -14.32
N SER A 54 22.04 14.65 -14.38
CA SER A 54 22.40 13.24 -14.30
C SER A 54 22.62 12.69 -15.70
N LYS A 55 23.85 12.82 -16.19
CA LYS A 55 24.13 12.59 -17.60
C LYS A 55 25.63 12.33 -17.85
N ILE A 56 25.89 11.49 -18.85
CA ILE A 56 27.25 11.19 -19.25
C ILE A 56 27.34 11.37 -20.75
N ARG A 57 28.27 12.20 -21.18
CA ARG A 57 28.49 12.38 -22.60
C ARG A 57 29.87 11.81 -22.95
N VAL A 58 29.91 10.90 -23.91
CA VAL A 58 31.18 10.44 -24.44
C VAL A 58 31.22 10.79 -25.93
N THR A 59 32.39 11.21 -26.39
CA THR A 59 32.60 11.48 -27.80
C THR A 59 33.60 10.49 -28.37
N GLN A 60 33.13 9.65 -29.29
CA GLN A 60 33.97 8.63 -29.91
C GLN A 60 34.99 9.29 -30.83
N ASN A 61 36.17 8.70 -30.91
CA ASN A 61 37.12 9.18 -31.92
C ASN A 61 36.67 8.64 -33.26
N GLN A 62 36.81 9.47 -34.29
CA GLN A 62 36.20 9.20 -35.59
C GLN A 62 37.03 8.25 -36.44
N ASN A 63 38.30 8.07 -36.06
CA ASN A 63 39.22 7.22 -36.81
C ASN A 63 39.07 5.75 -36.45
N ILE A 64 37.89 5.39 -35.93
CA ILE A 64 37.61 4.02 -35.50
C ILE A 64 36.53 3.40 -36.38
N ASP A 72 28.67 -4.63 -38.08
CA ASP A 72 29.04 -5.63 -37.08
C ASP A 72 29.55 -4.99 -35.79
N PHE A 73 28.69 -4.89 -34.79
CA PHE A 73 29.13 -4.37 -33.51
C PHE A 73 28.27 -4.87 -32.35
N SER A 74 28.82 -4.80 -31.14
CA SER A 74 28.13 -5.26 -29.94
C SER A 74 28.23 -4.24 -28.80
N VAL A 75 27.20 -4.23 -27.95
CA VAL A 75 27.21 -3.44 -26.73
C VAL A 75 26.99 -4.36 -25.53
N SER A 76 27.81 -4.24 -24.50
CA SER A 76 27.54 -4.99 -23.28
C SER A 76 27.60 -4.06 -22.07
N PHE A 77 26.89 -4.45 -21.02
CA PHE A 77 26.83 -3.67 -19.80
C PHE A 77 26.04 -4.47 -18.75
N TRP A 78 26.22 -4.13 -17.47
CA TRP A 78 25.39 -4.67 -16.41
C TRP A 78 24.39 -3.60 -16.02
N ILE A 79 23.18 -4.00 -15.64
CA ILE A 79 22.16 -3.01 -15.28
C ILE A 79 21.36 -3.45 -14.05
N ARG A 80 20.91 -2.47 -13.26
CA ARG A 80 20.02 -2.77 -12.16
C ARG A 80 18.81 -1.83 -12.23
N ILE A 81 17.64 -2.41 -12.53
CA ILE A 81 16.43 -1.62 -12.73
C ILE A 81 15.46 -1.75 -11.56
N PRO A 82 15.17 -0.62 -10.89
CA PRO A 82 14.32 -0.65 -9.70
C PRO A 82 12.94 -1.24 -9.97
N LYS A 83 12.31 -1.72 -8.91
CA LYS A 83 10.97 -2.28 -8.97
C LYS A 83 9.97 -1.17 -9.27
N TYR A 84 8.94 -1.50 -10.05
CA TYR A 84 7.75 -0.65 -10.17
C TYR A 84 7.24 -0.23 -8.80
N LYS A 85 6.67 0.96 -8.72
CA LYS A 85 5.92 1.35 -7.53
C LYS A 85 4.53 0.71 -7.59
N ASN A 86 4.01 0.26 -6.46
CA ASN A 86 2.68 -0.32 -6.45
C ASN A 86 1.59 0.74 -6.70
N ASP A 87 2.00 1.98 -6.92
CA ASP A 87 1.06 3.07 -7.21
C ASP A 87 1.10 3.47 -8.69
N GLY A 88 2.27 3.36 -9.31
CA GLY A 88 2.48 3.87 -10.65
C GLY A 88 2.68 2.81 -11.70
N ILE A 89 1.84 1.78 -11.68
CA ILE A 89 1.99 0.66 -12.61
C ILE A 89 1.61 1.06 -14.04
N GLN A 90 0.59 1.90 -14.17
CA GLN A 90 0.18 2.33 -15.49
C GLN A 90 1.31 3.10 -16.19
N ASN A 91 1.92 4.07 -15.50
CA ASN A 91 3.09 4.76 -16.06
C ASN A 91 4.22 3.79 -16.42
N TYR A 92 4.44 2.82 -15.54
CA TYR A 92 5.49 1.82 -15.72
C TYR A 92 5.30 1.04 -17.01
N ILE A 93 4.08 0.63 -17.28
CA ILE A 93 3.78 -0.22 -18.44
C ILE A 93 3.71 0.55 -19.76
N HIS A 94 3.48 1.85 -19.72
CA HIS A 94 3.26 2.61 -20.96
C HIS A 94 4.32 3.67 -21.28
N ASN A 95 4.96 4.24 -20.26
CA ASN A 95 5.91 5.33 -20.48
C ASN A 95 7.32 4.83 -20.79
N GLU A 96 7.64 4.76 -22.07
CA GLU A 96 8.97 4.37 -22.51
C GLU A 96 9.95 5.53 -22.30
N TYR A 97 11.15 5.21 -21.87
CA TYR A 97 12.13 6.25 -21.61
C TYR A 97 13.52 5.81 -22.00
N THR A 98 14.24 6.69 -22.68
CA THR A 98 15.62 6.45 -23.09
C THR A 98 16.55 6.41 -21.89
N ILE A 99 17.61 5.61 -21.99
CA ILE A 99 18.66 5.62 -20.98
C ILE A 99 20.00 5.91 -21.65
N ILE A 100 20.16 5.41 -22.88
CA ILE A 100 21.38 5.59 -23.66
C ILE A 100 21.04 5.81 -25.11
N ASN A 101 21.52 6.93 -25.65
CA ASN A 101 21.20 7.31 -27.02
C ASN A 101 22.45 7.65 -27.82
N CYS A 102 22.50 7.20 -29.07
CA CYS A 102 23.65 7.47 -29.92
C CYS A 102 23.23 7.89 -31.31
N MET A 103 23.00 9.19 -31.49
CA MET A 103 22.45 9.69 -32.75
C MET A 103 23.37 10.70 -33.46
N LYS A 104 23.56 10.47 -34.76
CA LYS A 104 24.24 11.41 -35.63
C LYS A 104 23.50 11.47 -36.95
N ASN A 105 23.16 12.69 -37.38
CA ASN A 105 22.39 12.92 -38.59
C ASN A 105 21.11 12.10 -38.60
N ASN A 106 20.43 12.06 -37.45
CA ASN A 106 19.21 11.27 -37.27
C ASN A 106 19.40 9.79 -37.54
N SER A 107 20.60 9.29 -37.27
CA SER A 107 20.88 7.85 -37.40
C SER A 107 21.66 7.35 -36.19
N GLY A 108 21.56 6.04 -35.94
CA GLY A 108 22.27 5.44 -34.82
C GLY A 108 21.50 4.39 -34.07
N TRP A 109 21.81 4.27 -32.78
CA TRP A 109 21.18 3.29 -31.92
C TRP A 109 20.77 3.91 -30.59
N LYS A 110 20.06 3.12 -29.80
CA LYS A 110 19.46 3.60 -28.57
C LYS A 110 18.97 2.43 -27.71
N ILE A 111 19.33 2.46 -26.44
CA ILE A 111 18.78 1.52 -25.49
C ILE A 111 17.77 2.26 -24.65
N SER A 112 16.62 1.64 -24.39
CA SER A 112 15.67 2.25 -23.48
C SER A 112 14.78 1.25 -22.78
N ILE A 113 14.00 1.77 -21.84
CA ILE A 113 13.19 0.94 -20.98
C ILE A 113 11.75 1.43 -20.93
N ARG A 114 10.82 0.49 -21.04
CA ARG A 114 9.44 0.75 -20.73
C ARG A 114 9.01 -0.35 -19.78
N GLY A 115 8.95 0.00 -18.50
CA GLY A 115 8.63 -0.98 -17.49
C GLY A 115 9.64 -2.10 -17.39
N ASN A 116 9.12 -3.33 -17.50
CA ASN A 116 9.92 -4.55 -17.39
C ASN A 116 10.55 -4.95 -18.71
N ARG A 117 10.49 -4.03 -19.67
CA ARG A 117 11.07 -4.28 -20.97
C ARG A 117 12.28 -3.38 -21.26
N ILE A 118 13.44 -3.98 -21.50
CA ILE A 118 14.60 -3.24 -21.99
C ILE A 118 14.73 -3.47 -23.49
N ILE A 119 14.76 -2.37 -24.25
CA ILE A 119 14.65 -2.47 -25.71
C ILE A 119 15.84 -1.86 -26.45
N TRP A 120 16.24 -2.51 -27.53
CA TRP A 120 17.34 -2.04 -28.37
C TRP A 120 16.80 -1.69 -29.73
N THR A 121 16.94 -0.43 -30.15
CA THR A 121 16.46 -0.02 -31.47
C THR A 121 17.56 0.50 -32.40
N LEU A 122 17.42 0.18 -33.67
CA LEU A 122 18.29 0.69 -34.70
C LEU A 122 17.48 1.60 -35.61
N ILE A 123 18.15 2.56 -36.24
CA ILE A 123 17.51 3.44 -37.22
C ILE A 123 18.52 3.85 -38.28
N ASP A 124 18.33 3.37 -39.51
CA ASP A 124 19.32 3.60 -40.54
C ASP A 124 19.27 5.03 -41.10
N ILE A 125 19.93 5.23 -42.24
CA ILE A 125 20.08 6.54 -42.85
C ILE A 125 18.77 7.09 -43.40
N ASN A 126 17.82 6.21 -43.67
CA ASN A 126 16.53 6.61 -44.21
C ASN A 126 15.52 6.91 -43.10
N GLY A 127 15.73 6.30 -41.94
CA GLY A 127 14.85 6.51 -40.81
C GLY A 127 14.00 5.31 -40.50
N LYS A 128 14.31 4.19 -41.17
CA LYS A 128 13.65 2.92 -40.92
C LYS A 128 14.03 2.45 -39.52
N THR A 129 13.18 1.61 -38.92
CA THR A 129 13.42 1.16 -37.55
C THR A 129 13.18 -0.33 -37.39
N LYS A 130 14.06 -0.97 -36.63
CA LYS A 130 13.79 -2.30 -36.07
C LYS A 130 14.13 -2.24 -34.58
N SER A 131 13.65 -3.24 -33.84
CA SER A 131 13.91 -3.30 -32.40
C SER A 131 14.03 -4.73 -31.91
N VAL A 132 14.59 -4.90 -30.72
CA VAL A 132 14.72 -6.21 -30.12
C VAL A 132 14.66 -5.99 -28.61
N PHE A 133 13.83 -6.77 -27.93
CA PHE A 133 13.66 -6.53 -26.52
C PHE A 133 13.88 -7.75 -25.65
N PHE A 134 14.17 -7.49 -24.39
CA PHE A 134 14.06 -8.51 -23.36
C PHE A 134 13.06 -8.01 -22.32
N GLU A 135 12.04 -8.82 -22.06
CA GLU A 135 11.04 -8.52 -21.06
C GLU A 135 11.13 -9.57 -19.96
N TYR A 136 11.20 -9.14 -18.72
CA TYR A 136 11.20 -10.08 -17.61
C TYR A 136 9.86 -10.06 -16.92
N ASN A 137 9.56 -11.17 -16.27
CA ASN A 137 8.26 -11.38 -15.66
C ASN A 137 8.05 -10.46 -14.46
N ILE A 138 6.86 -9.87 -14.36
CA ILE A 138 6.56 -9.04 -13.21
C ILE A 138 5.46 -9.64 -12.35
N ARG A 139 5.29 -10.96 -12.42
CA ARG A 139 4.33 -11.63 -11.56
C ARG A 139 4.97 -12.74 -10.71
N GLU A 140 6.28 -12.95 -10.84
CA GLU A 140 6.97 -14.01 -10.10
C GLU A 140 6.91 -13.76 -8.59
N ASP A 141 6.85 -14.82 -7.81
CA ASP A 141 6.96 -14.69 -6.36
C ASP A 141 8.33 -14.09 -6.02
N ILE A 142 9.38 -14.69 -6.57
CA ILE A 142 10.72 -14.17 -6.46
C ILE A 142 11.29 -14.01 -7.86
N SER A 143 11.70 -12.80 -8.21
CA SER A 143 12.24 -12.57 -9.53
C SER A 143 13.76 -12.51 -9.49
N GLU A 144 14.39 -12.96 -10.58
CA GLU A 144 15.84 -12.97 -10.69
C GLU A 144 16.36 -11.68 -11.30
N TYR A 145 15.45 -10.84 -11.75
CA TYR A 145 15.83 -9.66 -12.54
C TYR A 145 15.51 -8.36 -11.84
N ILE A 146 14.33 -8.26 -11.23
CA ILE A 146 13.84 -6.99 -10.70
C ILE A 146 14.72 -6.42 -9.60
N ASN A 147 15.33 -5.27 -9.90
CA ASN A 147 16.17 -4.54 -8.97
C ASN A 147 17.44 -5.31 -8.60
N ARG A 148 17.83 -6.26 -9.46
CA ARG A 148 19.05 -7.03 -9.26
C ARG A 148 19.96 -6.84 -10.46
N TRP A 149 21.27 -6.78 -10.19
CA TRP A 149 22.26 -6.69 -11.24
C TRP A 149 22.14 -7.86 -12.19
N PHE A 150 21.97 -7.60 -13.48
CA PHE A 150 22.14 -8.64 -14.47
C PHE A 150 22.86 -8.11 -15.72
N PHE A 151 23.38 -9.04 -16.49
CA PHE A 151 24.31 -8.77 -17.56
C PHE A 151 23.62 -8.78 -18.88
N VAL A 152 23.73 -7.67 -19.61
CA VAL A 152 23.13 -7.56 -20.93
C VAL A 152 24.20 -7.54 -22.01
N THR A 153 23.97 -8.27 -23.09
CA THR A 153 24.84 -8.12 -24.26
C THR A 153 23.98 -8.08 -25.50
N ILE A 154 24.27 -7.09 -26.34
CA ILE A 154 23.53 -6.88 -27.57
C ILE A 154 24.51 -7.00 -28.72
N THR A 155 24.19 -7.85 -29.69
CA THR A 155 25.05 -8.03 -30.85
C THR A 155 24.28 -7.73 -32.12
N ASN A 156 24.98 -7.13 -33.10
CA ASN A 156 24.40 -6.80 -34.39
C ASN A 156 25.30 -7.21 -35.54
N ASN A 157 24.75 -7.88 -36.55
CA ASN A 157 25.47 -8.08 -37.80
C ASN A 157 24.65 -7.64 -39.00
N LEU A 158 24.93 -8.25 -40.14
CA LEU A 158 24.22 -7.98 -41.39
C LEU A 158 22.71 -8.25 -41.26
N ASN A 159 22.37 -9.40 -40.69
CA ASN A 159 20.99 -9.88 -40.73
C ASN A 159 20.24 -9.89 -39.38
N ASN A 160 20.97 -9.95 -38.27
CA ASN A 160 20.30 -10.15 -36.97
C ASN A 160 20.73 -9.19 -35.85
N ALA A 161 19.78 -8.88 -34.98
CA ALA A 161 20.08 -8.25 -33.72
C ALA A 161 19.65 -9.22 -32.61
N LYS A 162 20.63 -9.62 -31.80
CA LYS A 162 20.40 -10.54 -30.70
C LYS A 162 20.62 -9.87 -29.34
N ILE A 163 19.83 -10.28 -28.36
CA ILE A 163 20.06 -9.86 -26.98
C ILE A 163 20.41 -11.08 -26.14
N TYR A 164 21.46 -10.93 -25.33
CA TYR A 164 21.81 -11.96 -24.38
C TYR A 164 21.65 -11.43 -22.97
N ILE A 165 21.11 -12.28 -22.11
CA ILE A 165 21.00 -11.95 -20.69
C ILE A 165 21.75 -12.99 -19.88
N ASN A 166 22.74 -12.56 -19.12
CA ASN A 166 23.56 -13.45 -18.29
C ASN A 166 24.18 -14.58 -19.11
N GLY A 167 24.59 -14.24 -20.33
CA GLY A 167 25.33 -15.14 -21.18
C GLY A 167 24.46 -16.00 -22.08
N LYS A 168 23.15 -15.93 -21.91
CA LYS A 168 22.26 -16.80 -22.66
C LYS A 168 21.36 -16.00 -23.63
N LEU A 169 21.21 -16.53 -24.85
CA LEU A 169 20.43 -15.86 -25.90
C LEU A 169 18.95 -15.80 -25.52
N GLU A 170 18.33 -14.63 -25.69
CA GLU A 170 16.94 -14.40 -25.29
C GLU A 170 16.04 -13.88 -26.41
N SER A 171 16.64 -13.25 -27.42
CA SER A 171 15.88 -12.63 -28.50
C SER A 171 16.75 -12.54 -29.73
N ASN A 172 16.13 -12.67 -30.90
CA ASN A 172 16.87 -12.68 -32.16
C ASN A 172 16.01 -12.15 -33.29
N THR A 173 15.99 -10.84 -33.48
CA THR A 173 15.13 -10.26 -34.52
C THR A 173 15.89 -10.10 -35.83
N ASP A 174 15.20 -10.32 -36.94
CA ASP A 174 15.81 -10.24 -38.26
C ASP A 174 15.78 -8.80 -38.76
N ILE A 175 16.88 -8.35 -39.34
CA ILE A 175 17.02 -6.96 -39.78
C ILE A 175 17.66 -6.83 -41.16
N LYS A 176 17.32 -7.71 -42.09
CA LYS A 176 17.85 -7.61 -43.45
C LYS A 176 17.38 -6.32 -44.10
N ASP A 177 16.19 -5.88 -43.69
CA ASP A 177 15.64 -4.58 -44.04
C ASP A 177 16.59 -3.45 -43.64
N ILE A 178 16.92 -3.42 -42.36
CA ILE A 178 17.79 -2.41 -41.81
C ILE A 178 19.23 -2.57 -42.31
N ARG A 179 19.69 -1.56 -43.04
CA ARG A 179 21.07 -1.55 -43.52
C ARG A 179 21.92 -0.55 -42.74
N GLU A 180 22.90 0.05 -43.42
CA GLU A 180 23.90 0.92 -42.81
C GLU A 180 23.34 1.89 -41.77
N VAL A 181 23.96 1.91 -40.59
CA VAL A 181 23.58 2.82 -39.52
C VAL A 181 24.85 3.51 -39.00
N ILE A 182 24.70 4.74 -38.51
CA ILE A 182 25.85 5.55 -38.09
C ILE A 182 26.09 5.43 -36.58
N ALA A 183 27.32 5.08 -36.20
CA ALA A 183 27.66 4.98 -34.78
C ALA A 183 28.75 5.99 -34.38
N ASN A 184 29.02 6.96 -35.25
CA ASN A 184 30.02 7.98 -34.97
C ASN A 184 29.59 8.93 -33.86
N GLY A 185 28.29 9.19 -33.79
CA GLY A 185 27.73 10.22 -32.95
C GLY A 185 28.06 10.13 -31.48
N GLU A 186 27.85 11.22 -30.75
CA GLU A 186 28.09 11.23 -29.33
C GLU A 186 27.10 10.30 -28.61
N ILE A 187 27.61 9.57 -27.62
CA ILE A 187 26.79 8.66 -26.82
C ILE A 187 26.34 9.34 -25.52
N ILE A 188 25.04 9.55 -25.38
CA ILE A 188 24.51 10.22 -24.20
C ILE A 188 23.84 9.23 -23.24
N PHE A 189 24.33 9.21 -22.00
CA PHE A 189 23.71 8.43 -20.93
C PHE A 189 22.85 9.40 -20.15
N LYS A 190 21.54 9.18 -20.19
CA LYS A 190 20.60 10.16 -19.68
C LYS A 190 19.20 9.57 -19.74
N LEU A 191 18.47 9.66 -18.63
CA LEU A 191 17.08 9.23 -18.64
C LEU A 191 16.25 10.29 -19.38
N ASP A 192 15.60 9.88 -20.45
CA ASP A 192 14.86 10.81 -21.28
C ASP A 192 13.51 10.24 -21.74
N GLY A 193 12.44 10.79 -21.19
CA GLY A 193 11.11 10.36 -21.51
C GLY A 193 10.17 10.91 -20.45
N ASP A 194 8.90 10.51 -20.47
CA ASP A 194 8.01 10.96 -19.42
C ASP A 194 8.22 10.06 -18.22
N ILE A 195 9.32 10.30 -17.50
CA ILE A 195 9.66 9.50 -16.33
C ILE A 195 9.10 10.11 -15.06
N ASP A 196 8.87 9.28 -14.06
CA ASP A 196 8.57 9.77 -12.72
C ASP A 196 9.82 10.38 -12.10
N ARG A 197 9.61 11.23 -11.11
CA ARG A 197 10.69 11.93 -10.42
C ARG A 197 11.69 10.96 -9.78
N THR A 198 11.16 9.85 -9.28
CA THR A 198 11.94 8.90 -8.51
C THR A 198 12.68 7.88 -9.38
N GLN A 199 12.45 7.94 -10.69
CA GLN A 199 13.05 7.00 -11.62
C GLN A 199 14.57 7.14 -11.67
N PHE A 200 15.24 6.01 -11.64
CA PHE A 200 16.68 5.97 -11.81
C PHE A 200 17.05 4.62 -12.39
N ILE A 201 18.34 4.47 -12.73
CA ILE A 201 18.87 3.24 -13.30
C ILE A 201 20.31 3.12 -12.83
N TRP A 202 20.73 1.92 -12.44
CA TRP A 202 22.14 1.70 -12.16
C TRP A 202 22.76 0.95 -13.33
N MET A 203 24.00 1.31 -13.64
CA MET A 203 24.74 0.69 -14.73
C MET A 203 26.19 0.45 -14.32
N LYS A 204 26.83 -0.51 -14.98
CA LYS A 204 28.19 -0.92 -14.63
C LYS A 204 28.82 -1.63 -15.84
N TYR A 205 30.10 -1.35 -16.07
CA TYR A 205 30.91 -2.01 -17.11
C TYR A 205 30.42 -1.83 -18.56
N PHE A 206 30.02 -0.62 -18.93
CA PHE A 206 29.57 -0.41 -20.30
C PHE A 206 30.69 -0.54 -21.31
N SER A 207 30.46 -1.36 -22.35
CA SER A 207 31.48 -1.58 -23.37
C SER A 207 30.89 -1.67 -24.77
N ILE A 208 31.73 -1.43 -25.76
CA ILE A 208 31.32 -1.53 -27.16
C ILE A 208 32.38 -2.28 -27.95
N PHE A 209 31.94 -3.09 -28.89
CA PHE A 209 32.84 -3.95 -29.66
C PHE A 209 32.62 -3.75 -31.15
N ASN A 210 33.69 -3.83 -31.95
CA ASN A 210 33.54 -3.68 -33.40
C ASN A 210 33.33 -5.02 -34.10
N THR A 211 32.76 -5.97 -33.37
CA THR A 211 32.50 -7.30 -33.90
C THR A 211 31.20 -7.85 -33.32
N GLU A 212 30.61 -8.85 -33.96
CA GLU A 212 29.47 -9.53 -33.37
C GLU A 212 29.98 -10.62 -32.44
N LEU A 213 29.82 -10.42 -31.14
CA LEU A 213 30.33 -11.38 -30.16
C LEU A 213 29.57 -12.70 -30.27
N SER A 214 30.29 -13.80 -30.05
CA SER A 214 29.67 -15.13 -30.07
C SER A 214 29.07 -15.47 -28.72
N GLN A 215 28.17 -16.45 -28.70
CA GLN A 215 27.58 -16.84 -27.43
C GLN A 215 28.70 -17.24 -26.47
N SER A 216 29.74 -17.86 -27.01
CA SER A 216 30.86 -18.31 -26.20
C SER A 216 31.62 -17.13 -25.56
N ASN A 217 31.91 -16.09 -26.35
CA ASN A 217 32.61 -14.93 -25.82
C ASN A 217 31.77 -14.27 -24.73
N ILE A 218 30.49 -14.08 -25.01
CA ILE A 218 29.57 -13.42 -24.08
C ILE A 218 29.43 -14.17 -22.75
N GLU A 219 29.35 -15.49 -22.81
CA GLU A 219 29.23 -16.30 -21.60
C GLU A 219 30.53 -16.23 -20.79
N GLU A 220 31.67 -16.23 -21.48
CA GLU A 220 32.95 -16.08 -20.79
C GLU A 220 33.05 -14.71 -20.08
N ARG A 221 32.56 -13.66 -20.75
CA ARG A 221 32.64 -12.31 -20.20
C ARG A 221 31.75 -12.24 -18.95
N TYR A 222 30.61 -12.92 -19.03
CA TYR A 222 29.66 -12.98 -17.92
C TYR A 222 30.33 -13.56 -16.69
N LYS A 223 30.99 -14.71 -16.85
CA LYS A 223 31.69 -15.33 -15.72
C LYS A 223 32.82 -14.43 -15.22
N ILE A 224 33.65 -13.94 -16.12
CA ILE A 224 34.75 -13.03 -15.72
C ILE A 224 34.25 -11.81 -14.91
N GLN A 225 33.18 -11.16 -15.36
CA GLN A 225 32.75 -9.92 -14.70
C GLN A 225 31.93 -10.20 -13.44
N SER A 226 31.51 -11.44 -13.26
CA SER A 226 30.82 -11.88 -12.05
C SER A 226 31.77 -12.15 -10.88
N TYR A 227 32.94 -12.69 -11.20
CA TYR A 227 33.89 -13.12 -10.18
C TYR A 227 34.26 -11.99 -9.23
N SER A 228 34.25 -12.31 -7.94
CA SER A 228 34.81 -11.43 -6.92
C SER A 228 35.32 -12.25 -5.76
N GLU A 229 36.17 -11.65 -4.93
CA GLU A 229 36.71 -12.32 -3.76
C GLU A 229 35.59 -12.35 -2.71
N TYR A 230 34.68 -11.39 -2.83
CA TYR A 230 33.68 -11.18 -1.82
C TYR A 230 32.35 -11.80 -2.22
N LEU A 231 31.47 -12.00 -1.25
CA LEU A 231 30.13 -12.48 -1.51
C LEU A 231 29.23 -11.31 -1.88
N LYS A 232 28.07 -11.58 -2.45
CA LYS A 232 27.20 -10.50 -2.87
C LYS A 232 25.90 -10.58 -2.10
N ASP A 233 25.12 -9.50 -2.10
CA ASP A 233 23.83 -9.61 -1.44
C ASP A 233 22.79 -9.98 -2.49
N PHE A 234 21.55 -10.13 -2.04
CA PHE A 234 20.44 -10.58 -2.89
C PHE A 234 20.34 -9.72 -4.15
N TRP A 235 20.69 -8.44 -4.02
CA TRP A 235 20.60 -7.48 -5.12
C TRP A 235 21.79 -7.57 -6.09
N GLY A 236 22.89 -8.16 -5.64
CA GLY A 236 24.06 -8.25 -6.50
C GLY A 236 25.18 -7.32 -6.09
N ASN A 237 24.98 -6.58 -5.00
CA ASN A 237 26.01 -5.66 -4.50
C ASN A 237 26.92 -6.40 -3.54
N PRO A 238 28.10 -5.85 -3.23
CA PRO A 238 28.94 -6.60 -2.28
C PRO A 238 28.28 -6.77 -0.90
N LEU A 239 28.45 -7.98 -0.35
CA LEU A 239 27.96 -8.29 0.99
C LEU A 239 28.81 -7.55 2.03
N MET A 240 28.15 -6.96 3.02
CA MET A 240 28.81 -6.09 4.01
C MET A 240 28.71 -6.57 5.44
N TYR A 241 29.73 -6.22 6.24
CA TYR A 241 29.62 -6.36 7.68
C TYR A 241 28.80 -5.20 8.24
N ASN A 242 28.19 -5.40 9.41
CA ASN A 242 27.57 -4.31 10.17
C ASN A 242 26.41 -3.66 9.43
N LYS A 243 25.73 -4.43 8.61
CA LYS A 243 24.59 -3.94 7.86
C LYS A 243 23.40 -4.90 7.99
N GLU A 244 22.23 -4.33 8.26
CA GLU A 244 21.01 -5.08 8.41
C GLU A 244 20.60 -5.84 7.14
N TYR A 245 20.31 -7.12 7.31
CA TYR A 245 19.85 -7.95 6.21
C TYR A 245 18.68 -8.84 6.61
N TYR A 246 17.70 -8.99 5.71
CA TYR A 246 16.70 -10.04 5.87
C TYR A 246 17.24 -11.26 5.14
N MET A 247 16.78 -12.44 5.51
CA MET A 247 17.37 -13.61 4.88
C MET A 247 16.44 -14.36 3.95
N PHE A 248 17.02 -14.73 2.81
CA PHE A 248 16.36 -15.46 1.74
C PHE A 248 17.01 -16.83 1.58
N ASN A 249 16.18 -17.86 1.44
CA ASN A 249 16.66 -19.22 1.22
C ASN A 249 16.27 -19.67 -0.18
N ALA A 250 17.25 -20.05 -1.00
CA ALA A 250 16.96 -20.38 -2.40
C ALA A 250 16.34 -21.77 -2.60
N GLY A 251 16.30 -22.57 -1.53
CA GLY A 251 15.69 -23.89 -1.58
C GLY A 251 14.28 -23.84 -1.02
N ASN A 252 13.90 -22.66 -0.52
CA ASN A 252 12.61 -22.41 0.14
C ASN A 252 12.27 -20.94 -0.03
N LYS A 253 12.01 -20.57 -1.28
CA LYS A 253 11.96 -19.17 -1.70
C LYS A 253 10.92 -18.33 -0.95
N ASN A 254 9.75 -18.93 -0.71
CA ASN A 254 8.63 -18.22 -0.06
C ASN A 254 8.64 -18.38 1.45
N SER A 255 9.76 -18.81 2.00
CA SER A 255 9.87 -18.99 3.45
C SER A 255 10.85 -17.99 4.09
N TYR A 256 10.65 -17.68 5.37
CA TYR A 256 11.53 -16.77 6.07
C TYR A 256 11.62 -17.18 7.53
N ILE A 257 12.65 -16.68 8.20
CA ILE A 257 12.98 -17.06 9.57
C ILE A 257 12.39 -16.08 10.55
N LYS A 258 11.83 -16.61 11.62
CA LYS A 258 11.34 -15.79 12.70
C LYS A 258 11.65 -16.46 14.02
N LEU A 259 12.10 -15.69 15.00
CA LEU A 259 12.31 -16.20 16.33
C LEU A 259 10.96 -16.65 16.87
N LYS A 260 10.88 -17.91 17.28
CA LYS A 260 9.66 -18.47 17.81
C LYS A 260 9.37 -17.89 19.21
N LYS A 261 8.16 -17.39 19.39
CA LYS A 261 7.74 -16.82 20.68
C LYS A 261 7.97 -17.80 21.82
N ASP A 262 8.74 -17.37 22.81
CA ASP A 262 9.07 -18.17 24.00
C ASP A 262 9.74 -19.52 23.66
N SER A 263 10.70 -19.47 22.73
CA SER A 263 11.58 -20.60 22.45
C SER A 263 12.82 -20.09 21.70
N PRO A 264 14.01 -20.61 22.05
CA PRO A 264 15.29 -20.11 21.53
C PRO A 264 15.61 -20.67 20.15
N VAL A 265 14.60 -20.72 19.28
CA VAL A 265 14.73 -21.32 17.96
C VAL A 265 14.10 -20.42 16.92
N GLY A 266 14.55 -20.54 15.66
CA GLY A 266 13.91 -19.86 14.55
C GLY A 266 12.93 -20.77 13.80
N GLU A 267 11.65 -20.39 13.84
CA GLU A 267 10.66 -21.11 13.06
C GLU A 267 10.61 -20.52 11.66
N ILE A 268 10.11 -21.32 10.72
CA ILE A 268 10.05 -20.93 9.32
C ILE A 268 8.60 -20.63 8.96
N LEU A 269 8.38 -19.49 8.36
CA LEU A 269 7.02 -19.06 8.04
C LEU A 269 6.90 -18.73 6.55
N THR A 270 5.68 -18.60 6.07
CA THR A 270 5.47 -18.30 4.66
C THR A 270 5.33 -16.78 4.42
N ARG A 271 6.06 -16.29 3.42
CA ARG A 271 6.02 -14.88 3.05
C ARG A 271 4.63 -14.42 2.66
N SER A 272 4.25 -13.27 3.21
CA SER A 272 3.09 -12.53 2.71
C SER A 272 3.34 -12.14 1.24
N LYS A 273 2.27 -11.93 0.50
CA LYS A 273 2.39 -11.52 -0.90
C LYS A 273 1.73 -10.15 -1.13
N TYR A 274 1.98 -9.57 -2.30
CA TYR A 274 1.26 -8.38 -2.74
C TYR A 274 -0.25 -8.61 -2.60
N ASN A 275 -0.91 -7.71 -1.87
CA ASN A 275 -2.32 -7.89 -1.50
C ASN A 275 -3.25 -6.78 -2.01
N GLN A 276 -3.04 -6.34 -3.24
CA GLN A 276 -3.91 -5.32 -3.81
C GLN A 276 -4.37 -5.70 -5.21
N ASN A 277 -5.10 -4.80 -5.86
CA ASN A 277 -5.82 -5.13 -7.09
C ASN A 277 -5.05 -4.77 -8.36
N SER A 278 -4.16 -5.65 -8.81
CA SER A 278 -3.52 -5.46 -10.10
C SER A 278 -3.39 -6.76 -10.88
N LYS A 279 -4.06 -6.78 -12.03
CA LYS A 279 -4.01 -7.86 -13.00
C LYS A 279 -2.59 -8.15 -13.50
N TYR A 280 -1.73 -7.14 -13.39
CA TYR A 280 -0.46 -7.13 -14.09
C TYR A 280 0.75 -7.55 -13.27
N ILE A 281 0.64 -7.48 -11.94
CA ILE A 281 1.81 -7.73 -11.07
C ILE A 281 1.57 -8.67 -9.88
N ASN A 282 2.62 -9.37 -9.49
CA ASN A 282 2.64 -10.11 -8.23
C ASN A 282 4.06 -10.33 -7.73
N TYR A 283 4.23 -10.31 -6.41
CA TYR A 283 5.51 -10.62 -5.78
C TYR A 283 5.30 -11.08 -4.34
N ARG A 284 6.30 -11.73 -3.78
CA ARG A 284 6.33 -12.04 -2.34
C ARG A 284 7.13 -10.99 -1.59
N ASP A 285 6.67 -10.66 -0.38
CA ASP A 285 7.36 -9.67 0.44
C ASP A 285 8.78 -10.11 0.79
N LEU A 286 9.71 -9.16 0.78
CA LEU A 286 11.12 -9.48 1.02
C LEU A 286 11.63 -8.91 2.34
N TYR A 287 10.99 -7.86 2.81
CA TYR A 287 11.44 -7.18 4.01
C TYR A 287 10.75 -7.73 5.23
N ILE A 288 11.01 -9.01 5.52
CA ILE A 288 10.32 -9.69 6.62
C ILE A 288 11.18 -10.77 7.23
N GLY A 289 10.76 -11.20 8.42
CA GLY A 289 11.57 -12.11 9.21
C GLY A 289 12.53 -11.29 10.05
N GLU A 290 13.41 -11.96 10.77
CA GLU A 290 14.30 -11.25 11.67
C GLU A 290 15.29 -10.40 10.88
N LYS A 291 15.63 -9.24 11.44
CA LYS A 291 16.72 -8.44 10.87
C LYS A 291 18.05 -9.03 11.32
N PHE A 292 18.77 -9.66 10.41
CA PHE A 292 20.08 -10.21 10.73
C PHE A 292 21.19 -9.20 10.49
N ILE A 293 22.37 -9.53 10.99
CA ILE A 293 23.54 -8.67 10.79
C ILE A 293 24.79 -9.52 10.97
N ILE A 294 25.77 -9.28 10.12
CA ILE A 294 26.99 -10.07 10.09
C ILE A 294 28.08 -9.31 10.82
N ARG A 295 28.79 -9.98 11.72
CA ARG A 295 29.89 -9.32 12.42
C ARG A 295 31.17 -10.08 12.16
N ARG A 296 32.26 -9.35 11.95
CA ARG A 296 33.55 -9.98 11.73
C ARG A 296 34.02 -10.63 13.01
N LYS A 297 34.68 -11.77 12.88
CA LYS A 297 35.49 -12.30 13.97
C LYS A 297 36.92 -11.90 13.65
N SER A 298 37.47 -10.97 14.42
CA SER A 298 38.72 -10.30 14.04
C SER A 298 39.96 -11.17 14.21
N ASN A 299 40.96 -10.92 13.36
CA ASN A 299 42.27 -11.55 13.50
C ASN A 299 43.38 -10.50 13.55
N ASN A 304 39.70 -4.64 6.77
CA ASN A 304 39.91 -3.23 7.05
C ASN A 304 38.89 -2.35 6.32
N ASP A 305 38.17 -2.96 5.38
CA ASP A 305 36.94 -2.38 4.85
C ASP A 305 35.80 -3.22 5.45
N ASP A 306 34.54 -2.91 5.14
CA ASP A 306 33.45 -3.70 5.72
C ASP A 306 32.88 -4.75 4.74
N ILE A 307 33.70 -5.18 3.79
CA ILE A 307 33.24 -6.13 2.80
C ILE A 307 33.48 -7.58 3.29
N VAL A 308 32.45 -8.42 3.15
CA VAL A 308 32.54 -9.81 3.57
C VAL A 308 33.17 -10.67 2.48
N ARG A 309 34.32 -11.27 2.77
CA ARG A 309 35.00 -12.07 1.76
C ARG A 309 34.81 -13.58 1.98
N LYS A 310 34.90 -14.34 0.90
CA LYS A 310 34.86 -15.80 0.97
C LYS A 310 35.94 -16.35 1.89
N GLU A 311 35.52 -17.25 2.77
CA GLU A 311 36.34 -17.97 3.75
C GLU A 311 36.50 -17.17 5.03
N ASP A 312 35.90 -15.97 5.08
CA ASP A 312 35.90 -15.18 6.32
C ASP A 312 35.16 -15.90 7.45
N TYR A 313 35.67 -15.73 8.67
CA TYR A 313 34.97 -16.22 9.85
C TYR A 313 34.12 -15.07 10.43
N ILE A 314 32.85 -15.37 10.67
CA ILE A 314 31.85 -14.37 10.99
C ILE A 314 30.99 -14.82 12.15
N TYR A 315 30.31 -13.85 12.78
CA TYR A 315 29.19 -14.15 13.65
C TYR A 315 27.92 -13.74 12.93
N LEU A 316 26.90 -14.59 12.98
CA LEU A 316 25.60 -14.23 12.43
C LEU A 316 24.69 -13.84 13.57
N ASP A 317 24.28 -12.58 13.58
CA ASP A 317 23.44 -12.05 14.64
C ASP A 317 22.10 -11.57 14.09
N PHE A 318 21.22 -11.18 15.01
CA PHE A 318 19.96 -10.59 14.63
C PHE A 318 19.42 -9.77 15.78
N PHE A 319 18.50 -8.87 15.48
CA PHE A 319 18.03 -7.97 16.51
C PHE A 319 16.70 -8.42 17.07
N ASN A 320 16.74 -8.67 18.37
CA ASN A 320 15.57 -9.02 19.13
C ASN A 320 15.25 -7.83 20.01
N LEU A 321 14.25 -7.03 19.59
CA LEU A 321 13.98 -5.74 20.21
C LEU A 321 15.28 -4.96 20.19
N ASN A 322 15.71 -4.46 21.34
CA ASN A 322 16.92 -3.62 21.39
C ASN A 322 18.15 -4.41 21.80
N GLN A 323 18.16 -5.69 21.49
CA GLN A 323 19.27 -6.57 21.84
C GLN A 323 19.79 -7.28 20.62
N GLU A 324 21.10 -7.24 20.43
CA GLU A 324 21.70 -8.05 19.39
C GLU A 324 21.91 -9.46 19.92
N TRP A 325 21.12 -10.39 19.39
CA TRP A 325 21.26 -11.82 19.69
C TRP A 325 22.13 -12.51 18.63
N ARG A 326 22.37 -13.80 18.83
CA ARG A 326 23.34 -14.52 17.98
C ARG A 326 22.87 -15.95 17.64
N VAL A 327 23.28 -16.43 16.47
CA VAL A 327 22.93 -17.75 15.97
C VAL A 327 23.99 -18.77 16.37
N TYR A 328 23.55 -19.75 17.16
CA TYR A 328 24.44 -20.79 17.66
C TYR A 328 24.07 -22.20 17.17
N THR A 329 25.00 -23.14 17.31
CA THR A 329 24.69 -24.56 17.19
C THR A 329 25.23 -25.34 18.40
N TYR A 330 24.52 -26.27 18.96
CA TYR A 330 25.00 -27.24 19.95
C TYR A 330 26.27 -27.89 19.44
N LYS A 331 27.25 -28.08 20.31
CA LYS A 331 28.48 -28.76 19.94
C LYS A 331 28.24 -30.25 19.69
N TYR A 332 27.44 -30.87 20.56
CA TYR A 332 27.23 -32.31 20.52
C TYR A 332 25.76 -32.66 20.34
N PHE A 333 25.33 -32.82 19.09
CA PHE A 333 23.97 -33.29 18.80
C PHE A 333 24.02 -34.62 18.05
N LYS A 334 22.94 -35.38 18.15
CA LYS A 334 22.92 -36.77 17.70
C LYS A 334 22.70 -36.95 16.19
N LYS A 335 21.63 -36.35 15.68
CA LYS A 335 21.16 -36.64 14.32
C LYS A 335 21.95 -35.95 13.21
N GLU A 336 21.49 -36.16 11.98
CA GLU A 336 21.99 -35.42 10.82
C GLU A 336 21.73 -33.92 10.99
N GLU A 337 20.52 -33.60 11.47
CA GLU A 337 20.07 -32.22 11.60
C GLU A 337 19.73 -31.83 13.04
N GLU A 338 20.00 -30.57 13.41
CA GLU A 338 19.61 -30.01 14.71
C GLU A 338 19.15 -28.55 14.57
N LYS A 339 18.12 -28.15 15.31
CA LYS A 339 17.66 -26.76 15.29
C LYS A 339 18.76 -25.85 15.79
N LEU A 340 18.97 -24.73 15.10
CA LEU A 340 19.95 -23.76 15.54
C LEU A 340 19.44 -23.12 16.83
N PHE A 341 20.37 -22.66 17.66
CA PHE A 341 20.07 -22.05 18.94
C PHE A 341 20.20 -20.53 18.82
N LEU A 342 19.12 -19.81 19.11
CA LEU A 342 19.15 -18.35 19.05
C LEU A 342 19.11 -17.76 20.45
N ALA A 343 20.07 -16.90 20.77
CA ALA A 343 20.28 -16.44 22.14
C ALA A 343 21.17 -15.19 22.21
N PRO A 344 21.16 -14.48 23.34
CA PRO A 344 22.07 -13.35 23.57
C PRO A 344 23.53 -13.70 23.34
N ILE A 345 24.35 -12.69 23.04
CA ILE A 345 25.77 -12.88 22.84
C ILE A 345 26.42 -13.26 24.17
N SER A 346 27.12 -14.40 24.19
CA SER A 346 27.85 -14.84 25.38
C SER A 346 28.75 -16.01 25.03
N ASP A 347 29.71 -16.27 25.91
CA ASP A 347 30.60 -17.39 25.74
C ASP A 347 30.03 -18.60 26.47
N SER A 348 29.82 -19.67 25.70
CA SER A 348 29.34 -20.93 26.23
C SER A 348 30.12 -22.06 25.57
N ASP A 349 30.71 -22.94 26.37
CA ASP A 349 31.47 -24.04 25.78
C ASP A 349 30.55 -25.23 25.47
N GLU A 350 29.25 -24.98 25.53
CA GLU A 350 28.27 -25.98 25.13
C GLU A 350 27.82 -25.71 23.69
N PHE A 351 28.13 -24.51 23.21
CA PHE A 351 27.72 -24.11 21.87
C PHE A 351 28.88 -23.59 21.01
N TYR A 352 28.72 -23.75 19.69
CA TYR A 352 29.57 -23.11 18.69
C TYR A 352 28.91 -21.82 18.26
N ASN A 353 29.73 -20.83 17.89
CA ASN A 353 29.22 -19.52 17.50
C ASN A 353 29.91 -18.99 16.25
N THR A 354 31.00 -19.65 15.86
CA THR A 354 31.79 -19.17 14.74
C THR A 354 31.39 -19.80 13.42
N ILE A 355 31.06 -18.96 12.46
CA ILE A 355 30.60 -19.39 11.15
C ILE A 355 31.63 -19.01 10.10
N GLN A 356 31.88 -19.90 9.16
CA GLN A 356 32.70 -19.52 8.02
C GLN A 356 31.80 -19.46 6.81
N ILE A 357 31.81 -18.31 6.15
CA ILE A 357 30.97 -18.10 4.98
C ILE A 357 31.67 -18.59 3.73
N LYS A 358 30.91 -19.29 2.89
CA LYS A 358 31.46 -20.04 1.78
C LYS A 358 30.88 -19.65 0.45
N GLU A 359 31.50 -20.14 -0.60
CA GLU A 359 30.91 -20.13 -1.92
C GLU A 359 31.30 -21.43 -2.63
N TYR A 360 30.42 -22.43 -2.55
CA TYR A 360 30.72 -23.70 -3.19
C TYR A 360 30.36 -23.69 -4.66
N ASP A 361 29.61 -22.69 -5.10
CA ASP A 361 29.18 -22.63 -6.50
C ASP A 361 30.34 -22.13 -7.36
N GLU A 362 30.61 -22.84 -8.46
CA GLU A 362 31.65 -22.46 -9.42
C GLU A 362 31.11 -21.40 -10.39
N GLN A 363 29.80 -21.46 -10.61
CA GLN A 363 29.06 -20.57 -11.50
C GLN A 363 28.55 -19.33 -10.75
N PRO A 364 28.32 -18.21 -11.48
CA PRO A 364 27.85 -16.98 -10.81
C PRO A 364 26.54 -17.18 -10.05
N THR A 365 26.52 -16.72 -8.82
CA THR A 365 25.33 -16.78 -7.99
C THR A 365 25.44 -15.68 -6.95
N TYR A 366 24.29 -15.29 -6.39
CA TYR A 366 24.28 -14.37 -5.27
C TYR A 366 24.01 -15.14 -3.97
N SER A 367 23.80 -16.44 -4.13
CA SER A 367 23.73 -17.34 -2.98
C SER A 367 25.09 -17.47 -2.31
N CYS A 368 25.08 -17.70 -1.00
CA CYS A 368 26.28 -18.13 -0.29
C CYS A 368 25.89 -19.25 0.67
N GLN A 369 26.89 -19.85 1.30
CA GLN A 369 26.62 -20.93 2.24
C GLN A 369 27.30 -20.65 3.56
N LEU A 370 26.80 -21.28 4.62
CA LEU A 370 27.23 -20.96 5.97
C LEU A 370 27.65 -22.22 6.71
N LEU A 371 28.96 -22.34 6.92
CA LEU A 371 29.56 -23.51 7.55
C LEU A 371 29.93 -23.28 9.02
N PHE A 372 29.53 -24.19 9.89
CA PHE A 372 29.98 -24.19 11.27
C PHE A 372 31.21 -25.06 11.42
N LYS A 373 32.24 -24.52 12.07
CA LYS A 373 33.47 -25.29 12.34
C LYS A 373 33.87 -25.19 13.82
N LYS A 374 34.60 -26.19 14.30
CA LYS A 374 35.05 -26.25 15.69
C LYS A 374 35.96 -25.08 16.03
N ASP A 375 36.98 -24.90 15.20
CA ASP A 375 37.89 -23.79 15.31
C ASP A 375 38.38 -23.45 13.90
N GLU A 376 38.99 -22.28 13.74
CA GLU A 376 39.54 -21.86 12.45
C GLU A 376 40.55 -22.87 11.91
N GLU A 377 41.40 -23.39 12.78
CA GLU A 377 42.52 -24.22 12.37
C GLU A 377 42.16 -25.69 12.17
N SER A 378 41.02 -26.11 12.72
CA SER A 378 40.55 -27.48 12.56
C SER A 378 39.91 -27.70 11.19
N THR A 379 40.17 -28.86 10.61
CA THR A 379 39.55 -29.23 9.35
C THR A 379 38.22 -29.92 9.59
N ASP A 380 37.80 -29.93 10.85
CA ASP A 380 36.59 -30.64 11.27
C ASP A 380 35.36 -29.81 10.96
N GLU A 381 34.42 -30.41 10.24
CA GLU A 381 33.21 -29.70 9.83
C GLU A 381 31.98 -30.26 10.52
N ILE A 382 31.18 -29.36 11.10
CA ILE A 382 29.97 -29.73 11.84
C ILE A 382 28.75 -29.82 10.93
N GLY A 383 28.62 -28.85 10.02
CA GLY A 383 27.49 -28.84 9.10
C GLY A 383 27.18 -27.47 8.54
N LEU A 384 26.22 -27.41 7.63
CA LEU A 384 25.85 -26.17 6.98
C LEU A 384 24.44 -25.76 7.38
N ILE A 385 24.22 -24.44 7.43
CA ILE A 385 22.95 -23.88 7.83
C ILE A 385 21.93 -24.03 6.70
N GLY A 386 20.73 -24.49 7.05
CA GLY A 386 19.69 -24.78 6.07
C GLY A 386 18.34 -24.74 6.74
N ILE A 387 17.37 -25.44 6.15
CA ILE A 387 16.03 -25.49 6.71
C ILE A 387 15.58 -26.93 6.73
N HIS A 388 14.99 -27.37 7.83
CA HIS A 388 14.60 -28.76 7.91
C HIS A 388 13.28 -28.96 8.63
N ARG A 389 12.57 -30.02 8.23
CA ARG A 389 11.33 -30.42 8.89
C ARG A 389 11.66 -31.21 10.15
N PHE A 390 10.96 -30.89 11.24
CA PHE A 390 11.13 -31.55 12.53
C PHE A 390 9.77 -31.95 13.04
N TYR A 391 9.72 -33.04 13.83
CA TYR A 391 8.45 -33.55 14.35
C TYR A 391 8.25 -33.11 15.79
N GLU A 392 7.06 -32.59 16.10
CA GLU A 392 6.67 -32.23 17.47
C GLU A 392 5.66 -33.22 18.02
N SER A 393 5.86 -33.66 19.27
CA SER A 393 4.95 -34.60 19.93
C SER A 393 4.63 -35.81 19.06
N GLU A 399 3.28 -32.45 15.55
CA GLU A 399 3.13 -32.34 14.11
C GLU A 399 4.47 -32.06 13.44
N TYR A 400 4.43 -31.53 12.23
CA TYR A 400 5.64 -31.36 11.45
C TYR A 400 5.82 -29.90 11.05
N LYS A 401 6.98 -29.34 11.38
CA LYS A 401 7.23 -27.91 11.21
C LYS A 401 8.67 -27.65 10.75
N ASP A 402 8.86 -26.69 9.85
CA ASP A 402 10.22 -26.32 9.49
C ASP A 402 10.88 -25.43 10.54
N TYR A 403 12.17 -25.67 10.75
CA TYR A 403 13.00 -24.84 11.60
C TYR A 403 14.33 -24.51 10.92
N PHE A 404 14.80 -23.31 11.23
CA PHE A 404 16.16 -22.84 10.97
C PHE A 404 17.17 -23.83 11.55
N CYS A 405 18.01 -24.45 10.71
CA CYS A 405 18.79 -25.59 11.19
C CYS A 405 20.26 -25.68 10.78
N ILE A 406 20.93 -26.66 11.37
CA ILE A 406 22.22 -27.13 10.85
C ILE A 406 22.04 -28.59 10.39
N SER A 407 22.68 -28.95 9.28
CA SER A 407 22.62 -30.32 8.79
C SER A 407 23.99 -30.81 8.31
N LYS A 408 24.35 -32.02 8.72
CA LYS A 408 25.60 -32.66 8.27
C LYS A 408 25.47 -33.14 6.83
N TRP A 409 24.23 -33.30 6.38
CA TRP A 409 23.96 -33.90 5.06
C TRP A 409 24.44 -32.99 3.92
N TYR A 410 24.31 -31.67 4.13
CA TYR A 410 24.78 -30.68 3.17
C TYR A 410 26.29 -30.83 2.84
N LEU A 411 27.06 -31.33 3.81
CA LEU A 411 28.53 -31.40 3.68
C LEU A 411 29.01 -32.15 2.43
N LYS A 412 28.34 -33.25 2.09
CA LYS A 412 28.68 -34.02 0.89
C LYS A 412 27.99 -33.46 -0.35
N GLU A 413 26.76 -32.98 -0.19
CA GLU A 413 25.99 -32.51 -1.33
C GLU A 413 26.66 -31.35 -2.07
N VAL A 414 27.20 -30.38 -1.32
CA VAL A 414 27.79 -29.20 -1.95
C VAL A 414 29.05 -29.54 -2.74
N LYS A 415 29.59 -30.73 -2.52
CA LYS A 415 30.77 -31.17 -3.26
C LYS A 415 30.41 -31.69 -4.65
N ARG A 416 29.13 -31.98 -4.87
CA ARG A 416 28.65 -32.52 -6.14
C ARG A 416 28.69 -31.47 -7.27
N LYS A 417 29.07 -31.91 -8.46
CA LYS A 417 29.13 -31.07 -9.66
C LYS A 417 28.15 -31.58 -10.73
N PRO A 418 27.37 -30.67 -11.33
CA PRO A 418 27.36 -29.22 -11.11
C PRO A 418 26.73 -28.83 -9.78
N TYR A 419 27.10 -27.67 -9.26
CA TYR A 419 26.58 -27.22 -7.97
C TYR A 419 25.07 -27.06 -8.01
N ASN A 420 24.44 -27.41 -6.90
CA ASN A 420 23.00 -27.49 -6.84
C ASN A 420 22.44 -26.22 -6.23
N LEU A 421 21.96 -25.32 -7.10
CA LEU A 421 21.44 -24.01 -6.73
C LEU A 421 20.24 -24.10 -5.82
N LYS A 422 19.51 -25.22 -5.90
CA LYS A 422 18.24 -25.34 -5.20
C LYS A 422 18.39 -25.89 -3.77
N LEU A 423 19.62 -26.15 -3.33
CA LEU A 423 19.82 -26.66 -1.98
C LEU A 423 19.39 -25.65 -0.94
N GLY A 424 18.78 -26.15 0.13
CA GLY A 424 18.35 -25.33 1.24
C GLY A 424 19.48 -24.63 1.99
N CYS A 425 20.71 -25.03 1.75
CA CYS A 425 21.85 -24.38 2.40
C CYS A 425 22.36 -23.16 1.61
N ASN A 426 21.62 -22.79 0.59
CA ASN A 426 21.89 -21.57 -0.18
C ASN A 426 21.09 -20.39 0.36
N TRP A 427 21.79 -19.43 0.94
CA TRP A 427 21.15 -18.25 1.51
C TRP A 427 21.56 -16.96 0.80
N GLN A 428 20.65 -16.00 0.82
CA GLN A 428 20.96 -14.67 0.29
C GLN A 428 20.50 -13.61 1.28
N PHE A 429 21.25 -12.50 1.33
CA PHE A 429 20.98 -11.46 2.29
C PHE A 429 20.35 -10.27 1.59
N ILE A 430 19.21 -9.83 2.12
CA ILE A 430 18.43 -8.77 1.52
C ILE A 430 18.43 -7.54 2.43
N PRO A 431 19.19 -6.50 2.05
CA PRO A 431 19.11 -5.26 2.82
C PRO A 431 18.00 -4.40 2.28
N LYS A 432 17.51 -3.44 3.05
CA LYS A 432 16.57 -2.46 2.50
C LYS A 432 17.26 -1.73 1.33
N ASP A 433 16.54 -1.55 0.23
CA ASP A 433 17.09 -0.91 -0.96
C ASP A 433 16.04 -0.06 -1.63
N GLU A 434 16.45 1.07 -2.18
CA GLU A 434 15.53 2.09 -2.66
C GLU A 434 14.89 1.65 -3.99
N GLY A 435 15.49 0.64 -4.62
CA GLY A 435 14.92 0.08 -5.84
C GLY A 435 13.79 -0.91 -5.58
N TRP A 436 13.55 -1.24 -4.32
CA TRP A 436 12.48 -2.18 -3.95
C TRP A 436 11.64 -1.68 -2.78
N THR A 437 10.40 -1.36 -3.08
CA THR A 437 9.45 -0.89 -2.09
C THR A 437 8.25 -1.85 -2.06
N GLU A 438 7.76 -2.15 -0.87
CA GLU A 438 6.60 -3.04 -0.78
C GLU A 438 5.65 -2.54 0.30
N VAL B 23 15.04 -11.48 30.06
CA VAL B 23 16.01 -10.76 29.24
C VAL B 23 15.46 -9.42 28.79
N GLN B 24 15.74 -8.41 29.60
CA GLN B 24 15.23 -7.07 29.38
C GLN B 24 16.36 -6.06 29.48
N LEU B 25 16.32 -5.05 28.62
CA LEU B 25 17.29 -3.97 28.61
C LEU B 25 16.52 -2.64 28.72
N VAL B 26 16.51 -2.04 29.91
CA VAL B 26 15.61 -0.91 30.21
C VAL B 26 16.30 0.41 30.60
N GLU B 27 15.75 1.51 30.08
CA GLU B 27 16.27 2.85 30.32
C GLU B 27 15.64 3.48 31.57
N SER B 28 16.42 4.24 32.30
CA SER B 28 15.88 5.13 33.33
C SER B 28 16.78 6.33 33.57
N GLY B 29 16.37 7.19 34.49
CA GLY B 29 17.18 8.34 34.89
C GLY B 29 16.88 9.63 34.15
N GLY B 30 15.85 9.63 33.29
CA GLY B 30 15.45 10.84 32.58
C GLY B 30 14.86 11.84 33.54
N GLY B 31 14.52 13.04 33.05
CA GLY B 31 14.04 14.10 33.92
C GLY B 31 13.83 15.46 33.27
N LEU B 32 13.35 16.41 34.04
CA LEU B 32 13.15 17.75 33.56
C LEU B 32 14.07 18.75 34.26
N VAL B 33 14.83 19.49 33.48
CA VAL B 33 15.90 20.31 33.98
C VAL B 33 16.02 21.59 33.22
N GLN B 34 16.85 22.48 33.76
CA GLN B 34 17.14 23.75 33.14
C GLN B 34 18.41 23.63 32.34
N PRO B 35 18.52 24.48 31.33
CA PRO B 35 19.78 24.58 30.59
C PRO B 35 20.97 24.66 31.54
N GLY B 36 22.07 24.00 31.17
CA GLY B 36 23.25 23.99 32.01
C GLY B 36 23.29 22.86 33.03
N GLU B 37 22.13 22.32 33.40
CA GLU B 37 22.11 21.31 34.45
C GLU B 37 22.47 19.91 33.93
N SER B 38 22.49 18.95 34.85
CA SER B 38 22.99 17.61 34.57
C SER B 38 21.93 16.55 34.79
N LEU B 39 22.12 15.42 34.15
CA LEU B 39 21.22 14.29 34.25
C LEU B 39 22.03 13.03 33.96
N ARG B 40 21.67 11.91 34.56
CA ARG B 40 22.39 10.65 34.31
C ARG B 40 21.45 9.49 33.93
N LEU B 41 21.47 9.09 32.68
CA LEU B 41 20.66 7.96 32.22
C LEU B 41 21.38 6.66 32.50
N SER B 42 20.63 5.64 32.88
CA SER B 42 21.21 4.32 33.00
C SER B 42 20.49 3.32 32.09
N CYS B 43 21.24 2.32 31.63
CA CYS B 43 20.74 1.30 30.71
C CYS B 43 20.99 -0.06 31.38
N GLY B 44 19.97 -0.58 32.04
CA GLY B 44 20.13 -1.77 32.86
C GLY B 44 19.77 -3.07 32.15
N ALA B 45 20.70 -4.01 32.15
CA ALA B 45 20.47 -5.30 31.53
C ALA B 45 20.05 -6.30 32.58
N SER B 46 18.98 -7.02 32.27
CA SER B 46 18.50 -8.09 33.12
C SER B 46 18.55 -9.40 32.33
N GLY B 47 18.85 -10.50 33.00
CA GLY B 47 18.84 -11.80 32.34
C GLY B 47 20.14 -12.13 31.62
N MET B 48 20.87 -11.10 31.24
CA MET B 48 22.14 -11.27 30.55
C MET B 48 23.21 -10.32 31.11
N SER B 49 24.41 -10.42 30.56
CA SER B 49 25.54 -9.64 31.05
C SER B 49 26.20 -8.88 29.90
N LEU B 50 26.61 -7.65 30.23
CA LEU B 50 27.15 -6.71 29.23
C LEU B 50 28.64 -6.90 28.99
N ASP B 51 29.19 -8.01 29.48
CA ASP B 51 30.61 -8.29 29.31
C ASP B 51 30.94 -8.47 27.84
N TYR B 52 29.99 -8.92 27.05
CA TYR B 52 30.16 -9.09 25.62
C TYR B 52 29.48 -8.05 24.77
N TYR B 53 28.88 -7.05 25.38
CA TYR B 53 28.02 -6.13 24.63
C TYR B 53 28.51 -4.68 24.55
N ALA B 54 28.36 -4.11 23.36
CA ALA B 54 28.62 -2.68 23.15
C ALA B 54 27.29 -1.96 23.25
N ILE B 55 27.25 -0.87 24.01
CA ILE B 55 26.01 -0.21 24.31
C ILE B 55 25.83 1.09 23.54
N ALA B 56 24.68 1.23 22.89
CA ALA B 56 24.36 2.42 22.13
C ALA B 56 23.18 3.16 22.73
N TRP B 57 23.20 4.49 22.61
CA TRP B 57 22.09 5.34 23.00
C TRP B 57 21.53 6.08 21.77
N TYR B 58 20.21 6.18 21.72
CA TYR B 58 19.53 6.88 20.64
C TYR B 58 18.57 7.85 21.27
N ARG B 59 18.22 8.92 20.57
CA ARG B 59 17.17 9.79 21.10
C ARG B 59 16.19 10.15 19.99
N GLN B 60 14.93 10.34 20.35
CA GLN B 60 13.94 10.77 19.39
C GLN B 60 13.05 11.85 19.97
N ALA B 61 13.03 13.00 19.30
CA ALA B 61 12.13 14.08 19.65
C ALA B 61 10.93 14.01 18.72
N PRO B 62 9.76 14.39 19.23
CA PRO B 62 8.56 14.41 18.37
C PRO B 62 8.54 15.61 17.42
N GLY B 63 8.31 15.38 16.14
CA GLY B 63 8.31 14.05 15.56
C GLY B 63 9.51 14.00 14.63
N LYS B 64 10.63 14.54 15.10
CA LYS B 64 11.85 14.62 14.31
C LYS B 64 12.43 13.24 14.04
N GLU B 65 13.42 13.19 13.16
CA GLU B 65 14.16 11.97 12.90
C GLU B 65 14.85 11.50 14.17
N ARG B 66 14.77 10.20 14.42
CA ARG B 66 15.54 9.57 15.49
C ARG B 66 17.03 9.64 15.14
N GLU B 67 17.90 9.70 16.13
CA GLU B 67 19.34 9.80 15.86
C GLU B 67 20.19 9.03 16.86
N GLY B 68 21.30 8.49 16.38
CA GLY B 68 22.29 7.86 17.24
C GLY B 68 22.95 8.94 18.08
N VAL B 69 23.11 8.67 19.38
CA VAL B 69 23.65 9.64 20.30
C VAL B 69 25.08 9.30 20.71
N SER B 70 25.29 8.05 21.09
CA SER B 70 26.58 7.61 21.57
C SER B 70 26.65 6.10 21.53
N CYS B 71 27.87 5.57 21.50
CA CYS B 71 28.07 4.13 21.58
C CYS B 71 29.40 3.82 22.22
N ILE B 72 29.39 2.88 23.15
CA ILE B 72 30.62 2.49 23.82
C ILE B 72 30.91 1.04 23.50
N SER B 73 32.19 0.76 23.28
CA SER B 73 32.67 -0.56 22.87
C SER B 73 32.48 -1.61 23.94
N VAL B 74 32.59 -2.88 23.52
CA VAL B 74 32.55 -4.01 24.44
C VAL B 74 33.60 -3.86 25.53
N SER B 75 34.82 -3.50 25.16
CA SER B 75 35.90 -3.29 26.14
C SER B 75 35.68 -2.02 26.97
N GLY B 76 34.92 -1.08 26.42
CA GLY B 76 34.65 0.16 27.12
C GLY B 76 35.74 1.23 26.96
N SER B 77 36.77 0.93 26.17
CA SER B 77 37.87 1.88 25.99
C SER B 77 37.63 2.84 24.82
N SER B 78 36.59 2.60 24.03
CA SER B 78 36.30 3.46 22.88
C SER B 78 34.86 3.96 22.89
N ALA B 79 34.68 5.24 22.57
CA ALA B 79 33.35 5.82 22.59
C ALA B 79 33.15 6.73 21.38
N GLN B 80 31.91 6.77 20.90
CA GLN B 80 31.54 7.55 19.75
C GLN B 80 30.43 8.49 20.15
N TYR B 81 30.43 9.69 19.58
CA TYR B 81 29.42 10.67 19.93
C TYR B 81 28.84 11.36 18.71
N LEU B 82 27.55 11.67 18.79
CA LEU B 82 26.93 12.61 17.86
C LEU B 82 27.68 13.92 18.04
N ASP B 83 27.97 14.59 16.95
CA ASP B 83 28.84 15.76 17.00
C ASP B 83 28.30 16.82 17.96
N SER B 84 26.97 16.94 18.01
CA SER B 84 26.34 17.99 18.81
C SER B 84 26.31 17.69 20.33
N VAL B 85 26.75 16.51 20.74
CA VAL B 85 26.80 16.24 22.17
C VAL B 85 28.20 16.00 22.69
N ARG B 86 29.19 15.95 21.79
CA ARG B 86 30.53 15.64 22.24
C ARG B 86 31.05 16.73 23.19
N GLY B 87 31.64 16.31 24.30
CA GLY B 87 32.15 17.25 25.29
C GLY B 87 31.11 17.63 26.33
N ARG B 88 29.86 17.22 26.09
CA ARG B 88 28.80 17.47 27.06
C ARG B 88 28.31 16.16 27.66
N PHE B 89 28.30 15.11 26.84
CA PHE B 89 27.77 13.82 27.22
C PHE B 89 28.92 12.86 27.47
N ILE B 90 28.79 12.02 28.51
CA ILE B 90 29.76 10.95 28.71
C ILE B 90 29.07 9.58 28.83
N ILE B 91 29.39 8.69 27.91
CA ILE B 91 28.93 7.30 27.97
C ILE B 91 29.95 6.45 28.72
N SER B 92 29.45 5.52 29.55
CA SER B 92 30.33 4.58 30.25
C SER B 92 29.60 3.25 30.46
N LYS B 93 30.35 2.21 30.83
CA LYS B 93 29.74 0.92 31.03
C LYS B 93 30.35 0.19 32.23
N ASP B 94 29.49 -0.23 33.16
CA ASP B 94 29.90 -0.96 34.37
C ASP B 94 29.44 -2.41 34.27
N ASN B 95 30.37 -3.31 33.92
CA ASN B 95 30.01 -4.71 33.71
C ASN B 95 29.51 -5.38 34.98
N THR B 96 30.11 -5.01 36.11
CA THR B 96 29.82 -5.63 37.40
C THR B 96 28.40 -5.32 37.88
N LYS B 97 27.80 -4.27 37.32
CA LYS B 97 26.42 -3.94 37.65
C LYS B 97 25.47 -4.22 36.49
N SER B 98 26.02 -4.72 35.38
CA SER B 98 25.30 -4.92 34.12
C SER B 98 24.47 -3.69 33.70
N THR B 99 25.00 -2.49 33.92
CA THR B 99 24.30 -1.27 33.51
C THR B 99 25.28 -0.32 32.84
N ALA B 100 24.81 0.42 31.85
CA ALA B 100 25.68 1.41 31.22
C ALA B 100 25.06 2.79 31.39
N TYR B 101 25.87 3.84 31.28
CA TYR B 101 25.35 5.16 31.60
C TYR B 101 25.54 6.15 30.47
N LEU B 102 24.62 7.09 30.38
CA LEU B 102 24.84 8.31 29.60
C LEU B 102 24.84 9.50 30.57
N GLN B 103 26.02 9.99 30.91
CA GLN B 103 26.12 11.20 31.74
C GLN B 103 25.89 12.40 30.83
N MET B 104 24.85 13.19 31.11
CA MET B 104 24.49 14.34 30.27
C MET B 104 24.75 15.68 31.00
N ASN B 105 25.84 16.33 30.65
CA ASN B 105 26.15 17.62 31.28
C ASN B 105 25.88 18.81 30.34
N SER B 106 25.77 20.00 30.91
CA SER B 106 25.52 21.20 30.14
C SER B 106 24.32 21.02 29.21
N LEU B 107 23.21 20.56 29.77
CA LEU B 107 22.06 20.22 28.93
C LEU B 107 21.50 21.46 28.23
N LYS B 108 21.04 21.26 26.99
CA LYS B 108 20.47 22.31 26.15
C LYS B 108 19.07 21.89 25.74
N PRO B 109 18.21 22.86 25.42
CA PRO B 109 16.86 22.56 24.90
C PRO B 109 16.86 21.55 23.75
N GLU B 110 17.85 21.59 22.87
CA GLU B 110 17.87 20.70 21.71
C GLU B 110 18.07 19.25 22.10
N ASP B 111 18.38 19.01 23.38
CA ASP B 111 18.62 17.66 23.88
C ASP B 111 17.31 17.01 24.30
N THR B 112 16.24 17.79 24.34
CA THR B 112 14.92 17.27 24.70
C THR B 112 14.52 16.12 23.76
N ALA B 113 14.32 14.96 24.35
CA ALA B 113 13.99 13.75 23.58
C ALA B 113 13.62 12.60 24.49
N VAL B 114 13.09 11.54 23.88
CA VAL B 114 13.02 10.26 24.55
C VAL B 114 14.31 9.52 24.19
N TYR B 115 15.02 9.05 25.20
CA TYR B 115 16.26 8.32 25.00
C TYR B 115 16.06 6.81 25.12
N TYR B 116 16.55 6.08 24.13
CA TYR B 116 16.49 4.64 24.12
C TYR B 116 17.89 4.05 24.05
N CYS B 117 18.08 2.86 24.62
CA CYS B 117 19.36 2.16 24.51
C CYS B 117 19.26 0.77 23.82
N ALA B 118 20.37 0.30 23.30
CA ALA B 118 20.44 -1.01 22.67
C ALA B 118 21.76 -1.66 23.01
N ALA B 119 21.76 -2.99 23.08
CA ALA B 119 22.98 -3.75 23.36
C ALA B 119 23.46 -4.40 22.07
N LEU B 120 24.65 -4.02 21.61
CA LEU B 120 25.15 -4.45 20.31
C LEU B 120 26.43 -5.27 20.43
N ALA B 121 26.76 -6.01 19.37
CA ALA B 121 28.01 -6.74 19.31
C ALA B 121 29.15 -5.76 19.18
N ASP B 122 28.87 -4.67 18.47
CA ASP B 122 29.90 -3.77 18.09
C ASP B 122 29.31 -2.44 17.72
N CYS B 123 30.10 -1.38 17.91
CA CYS B 123 29.66 -0.02 17.66
C CYS B 123 29.56 0.29 16.17
N ALA B 124 30.24 -0.49 15.34
CA ALA B 124 30.28 -0.20 13.91
C ALA B 124 28.88 -0.26 13.33
N GLY B 125 28.50 0.80 12.62
CA GLY B 125 27.19 0.87 12.01
C GLY B 125 26.04 1.20 12.95
N TYR B 126 26.33 1.47 14.23
CA TYR B 126 25.27 1.64 15.23
C TYR B 126 24.24 2.72 14.86
N ALA B 127 24.71 3.83 14.29
CA ALA B 127 23.85 5.00 14.13
C ALA B 127 22.76 4.77 13.09
N SER B 128 22.99 3.85 12.16
CA SER B 128 22.00 3.65 11.10
C SER B 128 21.16 2.37 11.30
N LEU B 129 21.14 1.83 12.52
CA LEU B 129 20.31 0.66 12.81
C LEU B 129 18.85 1.10 12.92
N THR B 130 17.90 0.24 12.56
CA THR B 130 16.52 0.71 12.44
C THR B 130 15.57 0.19 13.51
N PHE B 131 16.03 0.14 14.76
CA PHE B 131 15.18 -0.27 15.87
C PHE B 131 13.84 0.47 15.87
N ASP B 132 12.74 -0.27 15.96
CA ASP B 132 11.43 0.36 15.99
C ASP B 132 11.05 0.79 17.42
N PHE B 133 11.85 1.70 18.02
CA PHE B 133 11.61 2.15 19.39
C PHE B 133 10.20 2.69 19.59
N ASP B 134 9.73 3.50 18.66
CA ASP B 134 8.37 4.06 18.69
C ASP B 134 7.29 3.03 19.04
N SER B 135 7.42 1.83 18.50
CA SER B 135 6.33 0.87 18.63
C SER B 135 6.52 -0.07 19.81
N TRP B 136 7.75 -0.42 20.17
CA TRP B 136 7.95 -1.29 21.33
C TRP B 136 8.95 -0.75 22.34
N GLY B 137 9.52 0.42 22.07
CA GLY B 137 10.49 1.00 22.98
C GLY B 137 9.87 1.46 24.28
N GLN B 138 10.67 1.44 25.33
CA GLN B 138 10.27 2.02 26.59
C GLN B 138 10.89 3.40 26.66
N GLY B 139 12.19 3.43 26.90
CA GLY B 139 12.94 4.68 26.84
C GLY B 139 12.72 5.53 28.08
N THR B 140 13.48 6.61 28.18
CA THR B 140 13.37 7.51 29.32
C THR B 140 13.34 8.95 28.79
N GLN B 141 12.47 9.75 29.36
CA GLN B 141 12.18 11.07 28.84
C GLN B 141 13.12 12.14 29.42
N VAL B 142 13.71 12.93 28.52
CA VAL B 142 14.56 14.05 28.95
C VAL B 142 14.05 15.35 28.37
N ALA B 143 13.83 16.34 29.22
CA ALA B 143 13.36 17.65 28.77
C ALA B 143 14.10 18.78 29.44
N VAL B 144 14.53 19.73 28.63
CA VAL B 144 15.28 20.88 29.11
C VAL B 144 14.57 22.18 28.76
N SER B 145 14.14 22.92 29.77
CA SER B 145 13.50 24.23 29.54
C SER B 145 13.78 25.22 30.68
N SER B 146 14.17 26.43 30.31
CA SER B 146 14.48 27.46 31.31
C SER B 146 13.21 28.01 31.94
N ALA B 147 13.35 28.64 33.09
CA ALA B 147 12.22 29.27 33.75
C ALA B 147 12.02 30.71 33.27
N HIS B 148 12.95 31.20 32.46
CA HIS B 148 12.89 32.56 31.93
C HIS B 148 12.63 32.59 30.42
N ASN C 9 -36.33 29.66 18.43
CA ASN C 9 -35.14 28.91 18.82
C ASN C 9 -33.82 29.59 18.41
N ASN C 10 -33.82 30.93 18.40
CA ASN C 10 -32.59 31.73 18.26
C ASN C 10 -31.88 31.71 16.89
N ILE C 11 -32.44 31.05 15.89
CA ILE C 11 -31.68 30.87 14.66
C ILE C 11 -31.70 32.17 13.82
N ILE C 12 -30.52 32.61 13.38
CA ILE C 12 -30.47 33.86 12.62
C ILE C 12 -30.02 33.64 11.19
N LEU C 13 -29.47 32.45 10.92
CA LEU C 13 -29.19 32.04 9.55
C LEU C 13 -29.49 30.56 9.38
N ASN C 14 -30.25 30.24 8.34
CA ASN C 14 -30.67 28.86 8.10
C ASN C 14 -30.61 28.52 6.61
N LEU C 15 -29.43 28.09 6.17
CA LEU C 15 -29.21 27.77 4.75
C LEU C 15 -29.79 26.41 4.40
N ARG C 16 -30.88 26.39 3.64
CA ARG C 16 -31.44 25.10 3.19
C ARG C 16 -31.57 25.03 1.67
N TYR C 17 -31.60 23.81 1.14
CA TYR C 17 -31.88 23.57 -0.26
C TYR C 17 -33.33 23.89 -0.64
N LYS C 18 -33.53 24.43 -1.85
CA LYS C 18 -34.86 24.67 -2.41
C LYS C 18 -34.78 25.08 -3.89
N ASP C 19 -35.59 24.42 -4.72
CA ASP C 19 -35.58 24.55 -6.18
C ASP C 19 -34.16 24.72 -6.75
N ASN C 20 -33.34 23.68 -6.58
CA ASN C 20 -31.95 23.63 -7.05
C ASN C 20 -31.16 24.88 -6.68
N ASN C 21 -31.15 25.20 -5.40
CA ASN C 21 -30.52 26.41 -4.92
C ASN C 21 -30.41 26.37 -3.40
N LEU C 22 -29.61 27.27 -2.85
CA LEU C 22 -29.50 27.45 -1.40
C LEU C 22 -30.11 28.79 -1.01
N ILE C 23 -30.90 28.78 0.03
CA ILE C 23 -31.71 29.93 0.41
C ILE C 23 -31.71 30.02 1.94
N ASP C 24 -31.94 31.23 2.46
CA ASP C 24 -31.99 31.43 3.92
C ASP C 24 -33.40 31.37 4.49
N LEU C 25 -33.67 30.34 5.29
CA LEU C 25 -35.01 30.12 5.84
C LEU C 25 -35.22 30.71 7.25
N SER C 26 -34.26 31.47 7.74
CA SER C 26 -34.32 32.05 9.08
C SER C 26 -35.43 33.10 9.24
N GLY C 27 -35.86 33.68 8.12
CA GLY C 27 -36.84 34.76 8.20
C GLY C 27 -36.21 36.12 7.95
N TYR C 28 -34.91 36.24 8.21
CA TYR C 28 -34.23 37.52 8.05
C TYR C 28 -33.73 37.75 6.64
N GLY C 29 -33.92 36.76 5.76
CA GLY C 29 -33.68 36.94 4.35
C GLY C 29 -32.29 37.36 3.94
N ALA C 30 -31.28 36.70 4.50
CA ALA C 30 -29.91 36.89 4.04
C ALA C 30 -29.83 36.63 2.55
N LYS C 31 -28.96 37.35 1.87
CA LYS C 31 -28.78 37.20 0.44
C LYS C 31 -27.82 36.04 0.18
N VAL C 32 -28.25 35.08 -0.64
CA VAL C 32 -27.47 33.89 -0.83
C VAL C 32 -27.17 33.67 -2.31
N GLU C 33 -25.88 33.72 -2.64
CA GLU C 33 -25.42 33.59 -4.02
C GLU C 33 -24.65 32.29 -4.18
N VAL C 34 -25.25 31.31 -4.84
CA VAL C 34 -24.51 30.09 -5.13
C VAL C 34 -23.93 30.21 -6.53
N TYR C 35 -22.61 30.15 -6.62
CA TYR C 35 -21.92 30.22 -7.90
C TYR C 35 -21.88 28.82 -8.53
N ASP C 36 -21.64 28.76 -9.83
CA ASP C 36 -21.76 27.52 -10.61
C ASP C 36 -20.92 26.34 -10.12
N GLY C 37 -19.76 26.60 -9.52
CA GLY C 37 -18.87 25.54 -9.09
C GLY C 37 -19.31 24.75 -7.88
N VAL C 38 -20.46 25.10 -7.32
CA VAL C 38 -20.95 24.37 -6.15
C VAL C 38 -21.93 23.28 -6.58
N GLU C 39 -21.66 22.04 -6.22
CA GLU C 39 -22.62 20.99 -6.50
C GLU C 39 -23.68 20.93 -5.39
N LEU C 40 -24.95 20.91 -5.79
CA LEU C 40 -26.07 20.75 -4.86
C LEU C 40 -26.85 19.46 -5.16
N ASN C 41 -27.41 18.83 -4.13
CA ASN C 41 -28.40 17.76 -4.32
C ASN C 41 -29.58 17.98 -3.37
N ASP C 42 -30.67 17.25 -3.57
CA ASP C 42 -31.89 17.50 -2.80
C ASP C 42 -31.87 16.84 -1.42
N LYS C 43 -30.71 16.33 -1.03
CA LYS C 43 -30.50 15.84 0.33
C LYS C 43 -29.80 16.93 1.17
N ASN C 44 -29.76 18.14 0.62
CA ASN C 44 -29.22 19.32 1.28
C ASN C 44 -27.70 19.27 1.43
N GLN C 45 -27.04 18.57 0.52
CA GLN C 45 -25.58 18.48 0.59
C GLN C 45 -24.97 19.39 -0.44
N PHE C 46 -23.96 20.16 -0.04
CA PHE C 46 -23.26 20.91 -1.07
C PHE C 46 -21.77 20.66 -1.03
N LYS C 47 -21.16 20.82 -2.20
CA LYS C 47 -19.80 20.43 -2.39
C LYS C 47 -18.96 21.64 -2.73
N LEU C 48 -17.95 21.88 -1.93
CA LEU C 48 -16.97 22.91 -2.25
C LEU C 48 -15.76 22.23 -2.91
N THR C 49 -15.44 22.67 -4.12
CA THR C 49 -14.35 22.07 -4.89
C THR C 49 -13.19 23.05 -5.02
N SER C 50 -12.14 22.66 -5.73
CA SER C 50 -11.00 23.54 -5.89
C SER C 50 -11.20 24.51 -7.05
N SER C 51 -12.42 24.56 -7.57
CA SER C 51 -12.69 25.38 -8.75
C SER C 51 -12.89 26.85 -8.34
N ALA C 52 -12.47 27.75 -9.21
CA ALA C 52 -12.49 29.18 -8.91
C ALA C 52 -13.88 29.68 -8.57
N ASN C 53 -14.89 29.07 -9.19
CA ASN C 53 -16.25 29.53 -9.01
C ASN C 53 -17.05 28.60 -8.10
N SER C 54 -16.36 27.68 -7.41
CA SER C 54 -17.03 26.87 -6.40
C SER C 54 -17.12 27.65 -5.10
N LYS C 55 -18.13 28.50 -5.00
CA LYS C 55 -18.16 29.50 -3.97
C LYS C 55 -19.60 29.88 -3.61
N ILE C 56 -19.85 30.12 -2.33
CA ILE C 56 -21.12 30.68 -1.89
C ILE C 56 -20.86 31.96 -1.11
N ARG C 57 -21.54 33.03 -1.52
CA ARG C 57 -21.41 34.31 -0.86
C ARG C 57 -22.74 34.66 -0.20
N VAL C 58 -22.67 34.90 1.11
CA VAL C 58 -23.86 35.24 1.86
C VAL C 58 -23.71 36.65 2.43
N THR C 59 -24.73 37.47 2.21
CA THR C 59 -24.71 38.79 2.79
C THR C 59 -25.71 38.82 3.94
N GLN C 60 -25.17 38.99 5.14
CA GLN C 60 -25.95 39.03 6.37
C GLN C 60 -26.89 40.24 6.47
N ASN C 61 -28.06 39.98 7.03
CA ASN C 61 -29.01 41.00 7.42
C ASN C 61 -28.38 41.87 8.51
N GLN C 62 -28.24 43.16 8.23
CA GLN C 62 -27.47 44.05 9.10
C GLN C 62 -28.31 44.56 10.27
N ASN C 63 -29.62 44.38 10.20
CA ASN C 63 -30.52 44.98 11.18
C ASN C 63 -30.40 44.31 12.55
N ILE C 64 -30.09 43.01 12.57
CA ILE C 64 -29.81 42.34 13.84
C ILE C 64 -28.62 41.41 13.70
N VAL C 69 -19.86 43.29 21.44
CA VAL C 69 -18.80 43.45 22.43
C VAL C 69 -18.61 42.13 23.20
N PHE C 70 -19.71 41.51 23.62
CA PHE C 70 -19.68 40.20 24.27
C PHE C 70 -20.20 39.10 23.35
N LEU C 71 -19.28 38.29 22.82
CA LEU C 71 -19.63 37.17 21.96
C LEU C 71 -20.72 36.28 22.56
N ASP C 72 -21.73 35.97 21.75
CA ASP C 72 -22.84 35.12 22.19
C ASP C 72 -23.54 34.51 20.99
N PHE C 73 -22.89 33.55 20.35
CA PHE C 73 -23.45 32.95 19.16
C PHE C 73 -22.84 31.58 18.86
N SER C 74 -23.48 30.86 17.94
CA SER C 74 -23.16 29.47 17.67
C SER C 74 -23.24 29.20 16.18
N VAL C 75 -22.51 28.19 15.72
CA VAL C 75 -22.54 27.77 14.33
C VAL C 75 -22.64 26.24 14.28
N SER C 76 -23.54 25.70 13.48
CA SER C 76 -23.59 24.25 13.33
C SER C 76 -23.73 23.86 11.87
N PHE C 77 -23.30 22.66 11.56
CA PHE C 77 -23.29 22.13 10.21
C PHE C 77 -22.82 20.70 10.26
N TRP C 78 -23.15 19.96 9.21
CA TRP C 78 -22.61 18.62 9.01
C TRP C 78 -21.53 18.74 7.96
N ILE C 79 -20.52 17.89 8.05
CA ILE C 79 -19.41 17.97 7.12
C ILE C 79 -18.93 16.57 6.76
N ARG C 80 -18.42 16.41 5.55
CA ARG C 80 -17.84 15.14 5.15
C ARG C 80 -16.51 15.44 4.46
N ILE C 81 -15.43 15.06 5.13
CA ILE C 81 -14.09 15.41 4.69
C ILE C 81 -13.35 14.20 4.14
N PRO C 82 -12.95 14.27 2.87
CA PRO C 82 -12.37 13.07 2.23
C PRO C 82 -11.07 12.59 2.87
N LYS C 83 -10.77 11.31 2.64
CA LYS C 83 -9.54 10.73 3.10
C LYS C 83 -8.35 11.38 2.41
N TYR C 84 -7.25 11.47 3.13
CA TYR C 84 -5.95 11.84 2.56
C TYR C 84 -5.63 10.96 1.36
N LYS C 85 -4.85 11.47 0.42
CA LYS C 85 -4.30 10.66 -0.65
C LYS C 85 -2.98 10.08 -0.14
N ASN C 86 -2.81 8.77 -0.31
CA ASN C 86 -1.64 8.08 0.22
C ASN C 86 -0.35 8.70 -0.29
N ASP C 87 -0.35 9.16 -1.54
CA ASP C 87 0.85 9.77 -2.09
C ASP C 87 0.86 11.30 -1.91
N GLY C 88 -0.04 11.81 -1.07
CA GLY C 88 -0.08 13.24 -0.78
C GLY C 88 -0.16 13.62 0.69
N ILE C 89 0.44 12.80 1.55
CA ILE C 89 0.29 12.97 2.98
C ILE C 89 0.93 14.25 3.50
N GLN C 90 2.08 14.63 2.95
N GLN C 90 2.06 14.62 2.90
CA GLN C 90 2.77 15.82 3.43
CA GLN C 90 2.83 15.78 3.30
C GLN C 90 1.97 17.10 3.18
C GLN C 90 2.00 17.06 3.15
N ASN C 91 1.45 17.26 1.96
CA ASN C 91 0.58 18.40 1.67
C ASN C 91 -0.63 18.41 2.59
N TYR C 92 -1.16 17.21 2.83
CA TYR C 92 -2.35 17.01 3.66
C TYR C 92 -2.14 17.52 5.08
N ILE C 93 -1.00 17.16 5.66
CA ILE C 93 -0.69 17.44 7.06
C ILE C 93 -0.34 18.91 7.31
N HIS C 94 0.33 19.53 6.33
CA HIS C 94 0.89 20.87 6.50
C HIS C 94 0.07 22.03 5.92
N ASN C 95 -0.71 21.78 4.85
CA ASN C 95 -1.39 22.86 4.15
C ASN C 95 -2.79 23.14 4.67
N GLU C 96 -2.91 24.21 5.43
CA GLU C 96 -4.20 24.62 5.97
C GLU C 96 -4.98 25.35 4.89
N TYR C 97 -6.29 25.20 4.88
CA TYR C 97 -7.10 25.94 3.92
C TYR C 97 -8.39 26.33 4.61
N THR C 98 -8.83 27.55 4.40
CA THR C 98 -10.08 27.90 5.06
C THR C 98 -11.20 27.42 4.15
N ILE C 99 -12.36 27.16 4.75
CA ILE C 99 -13.51 26.69 3.96
C ILE C 99 -14.68 27.68 4.05
N ILE C 100 -14.77 28.38 5.20
CA ILE C 100 -15.79 29.40 5.44
C ILE C 100 -15.15 30.59 6.14
N ASN C 101 -15.37 31.78 5.60
CA ASN C 101 -14.69 33.00 6.06
C ASN C 101 -15.66 34.15 6.33
N CYS C 102 -15.67 34.64 7.56
CA CYS C 102 -16.50 35.79 7.87
C CYS C 102 -15.68 36.93 8.46
N MET C 103 -15.07 37.72 7.59
CA MET C 103 -14.19 38.82 7.98
C MET C 103 -14.66 40.17 7.48
N LYS C 104 -14.60 41.16 8.37
CA LYS C 104 -14.78 42.54 8.01
C LYS C 104 -13.71 43.36 8.76
N ASN C 105 -12.96 44.16 8.01
CA ASN C 105 -11.90 45.01 8.56
C ASN C 105 -10.88 44.23 9.38
N ASN C 106 -10.51 43.05 8.86
CA ASN C 106 -9.47 42.20 9.40
C ASN C 106 -9.86 41.56 10.71
N SER C 107 -11.16 41.55 10.96
CA SER C 107 -11.72 40.99 12.19
C SER C 107 -12.92 40.08 11.88
N GLY C 108 -13.04 39.00 12.66
CA GLY C 108 -14.16 38.10 12.51
C GLY C 108 -13.84 36.68 12.89
N TRP C 109 -14.48 35.76 12.18
CA TRP C 109 -14.24 34.36 12.43
C TRP C 109 -14.07 33.61 11.12
N LYS C 110 -13.45 32.43 11.22
CA LYS C 110 -13.28 31.57 10.07
C LYS C 110 -13.25 30.10 10.49
N ILE C 111 -13.62 29.24 9.55
CA ILE C 111 -13.53 27.81 9.73
C ILE C 111 -12.53 27.32 8.71
N SER C 112 -11.53 26.59 9.19
CA SER C 112 -10.49 26.11 8.30
C SER C 112 -10.15 24.65 8.57
N ILE C 113 -9.47 24.03 7.60
CA ILE C 113 -9.04 22.67 7.74
C ILE C 113 -7.56 22.56 7.43
N ARG C 114 -6.87 21.78 8.26
CA ARG C 114 -5.54 21.32 7.95
C ARG C 114 -5.52 19.81 8.16
N GLY C 115 -5.54 19.08 7.05
CA GLY C 115 -5.54 17.63 7.10
C GLY C 115 -6.71 17.03 7.86
N ASN C 116 -6.41 16.40 8.98
CA ASN C 116 -7.42 15.77 9.83
C ASN C 116 -7.87 16.67 10.96
N ARG C 117 -7.65 17.98 10.80
CA ARG C 117 -8.01 18.93 11.86
C ARG C 117 -9.00 19.98 11.34
N ILE C 118 -10.06 20.22 12.07
CA ILE C 118 -10.98 21.30 11.70
C ILE C 118 -10.88 22.38 12.76
N ILE C 119 -10.75 23.63 12.33
CA ILE C 119 -10.33 24.71 13.23
C ILE C 119 -11.26 25.90 13.24
N TRP C 120 -11.60 26.38 14.43
CA TRP C 120 -12.40 27.60 14.56
C TRP C 120 -11.50 28.72 15.08
N THR C 121 -11.56 29.88 14.42
CA THR C 121 -10.63 30.96 14.71
C THR C 121 -11.36 32.28 14.86
N LEU C 122 -11.12 32.95 15.99
CA LEU C 122 -11.67 34.29 16.24
C LEU C 122 -10.57 35.34 16.15
N ILE C 123 -10.91 36.49 15.59
CA ILE C 123 -9.95 37.58 15.44
C ILE C 123 -10.62 38.88 15.82
N ASP C 124 -10.14 39.54 16.88
CA ASP C 124 -10.80 40.76 17.35
C ASP C 124 -10.25 42.03 16.67
N ILE C 125 -10.78 43.17 17.05
CA ILE C 125 -10.44 44.41 16.35
C ILE C 125 -8.98 44.82 16.58
N ASN C 126 -8.32 44.23 17.58
CA ASN C 126 -6.91 44.52 17.86
C ASN C 126 -5.95 43.53 17.18
N GLY C 127 -6.49 42.57 16.43
CA GLY C 127 -5.68 41.55 15.82
C GLY C 127 -5.49 40.30 16.65
N LYS C 128 -5.91 40.34 17.91
CA LYS C 128 -5.72 39.19 18.79
C LYS C 128 -6.49 37.99 18.27
N THR C 129 -5.84 36.83 18.30
CA THR C 129 -6.35 35.62 17.66
C THR C 129 -6.50 34.48 18.65
N LYS C 130 -7.67 33.85 18.64
CA LYS C 130 -7.85 32.63 19.42
C LYS C 130 -8.38 31.52 18.51
N SER C 131 -8.06 30.29 18.88
CA SER C 131 -8.52 29.13 18.12
C SER C 131 -8.84 27.96 19.01
N VAL C 132 -9.78 27.16 18.54
CA VAL C 132 -10.13 25.89 19.12
C VAL C 132 -10.31 24.90 17.96
N PHE C 133 -9.81 23.67 18.09
CA PHE C 133 -9.93 22.75 16.96
C PHE C 133 -10.35 21.32 17.38
N PHE C 134 -10.90 20.59 16.42
CA PHE C 134 -11.15 19.17 16.59
C PHE C 134 -10.31 18.42 15.59
N GLU C 135 -9.57 17.43 16.08
CA GLU C 135 -8.71 16.63 15.24
C GLU C 135 -8.97 15.15 15.46
N TYR C 136 -9.32 14.43 14.40
CA TYR C 136 -9.54 12.98 14.46
C TYR C 136 -8.33 12.17 14.05
N ASN C 137 -8.15 11.05 14.73
CA ASN C 137 -6.99 10.21 14.53
C ASN C 137 -6.94 9.64 13.11
N ILE C 138 -5.75 9.54 12.53
CA ILE C 138 -5.61 8.96 11.20
C ILE C 138 -4.75 7.71 11.21
N ARG C 139 -4.75 6.98 12.33
CA ARG C 139 -4.03 5.71 12.43
C ARG C 139 -4.95 4.60 12.97
N GLU C 140 -6.23 4.93 13.10
CA GLU C 140 -7.23 3.96 13.54
C GLU C 140 -7.57 2.96 12.43
N ASP C 141 -7.72 1.69 12.82
CA ASP C 141 -8.16 0.64 11.92
C ASP C 141 -9.39 1.08 11.14
N ILE C 142 -10.37 1.59 11.88
CA ILE C 142 -11.63 2.07 11.32
C ILE C 142 -11.97 3.39 11.97
N SER C 143 -12.05 4.46 11.18
CA SER C 143 -12.37 5.77 11.70
C SER C 143 -13.88 6.05 11.64
N GLU C 144 -14.45 6.57 12.72
CA GLU C 144 -15.80 7.11 12.69
C GLU C 144 -15.94 8.41 11.92
N TYR C 145 -14.82 9.02 11.51
CA TYR C 145 -14.86 10.39 10.99
C TYR C 145 -14.37 10.57 9.56
N ILE C 146 -13.30 9.88 9.18
CA ILE C 146 -12.70 10.09 7.88
C ILE C 146 -13.67 9.77 6.76
N ASN C 147 -14.07 10.80 6.02
CA ASN C 147 -14.97 10.69 4.87
C ASN C 147 -16.39 10.25 5.25
N ARG C 148 -16.75 10.40 6.52
CA ARG C 148 -18.10 10.09 6.94
C ARG C 148 -18.76 11.34 7.49
N TRP C 149 -20.05 11.53 7.19
CA TRP C 149 -20.77 12.68 7.72
C TRP C 149 -20.67 12.71 9.22
N PHE C 150 -20.35 13.88 9.78
CA PHE C 150 -20.52 14.08 11.22
C PHE C 150 -20.93 15.52 11.55
N PHE C 151 -21.39 15.71 12.77
CA PHE C 151 -22.07 16.96 13.13
C PHE C 151 -21.16 17.85 13.98
N VAL C 152 -20.91 19.07 13.49
CA VAL C 152 -20.08 20.04 14.19
C VAL C 152 -20.96 21.14 14.78
N THR C 153 -20.73 21.51 16.04
CA THR C 153 -21.31 22.73 16.54
C THR C 153 -20.25 23.52 17.30
N ILE C 154 -20.11 24.80 16.97
CA ILE C 154 -19.16 25.68 17.65
C ILE C 154 -19.95 26.71 18.43
N THR C 155 -19.71 26.80 19.73
CA THR C 155 -20.42 27.75 20.56
C THR C 155 -19.45 28.78 21.14
N ASN C 156 -19.94 30.01 21.31
CA ASN C 156 -19.12 31.10 21.83
C ASN C 156 -19.86 31.92 22.85
N ASN C 157 -19.28 32.07 24.03
CA ASN C 157 -19.65 33.16 24.96
C ASN C 157 -18.36 33.95 25.27
N LEU C 158 -18.41 34.89 26.23
CA LEU C 158 -17.26 35.77 26.44
C LEU C 158 -16.05 35.04 27.05
N ASN C 159 -16.27 33.82 27.52
CA ASN C 159 -15.23 33.05 28.18
C ASN C 159 -14.66 31.90 27.33
N ASN C 160 -15.55 31.19 26.63
CA ASN C 160 -15.16 29.95 25.96
C ASN C 160 -15.65 29.81 24.52
N ALA C 161 -14.75 29.32 23.67
CA ALA C 161 -15.12 28.79 22.36
C ALA C 161 -15.10 27.27 22.45
N LYS C 162 -16.22 26.64 22.11
CA LYS C 162 -16.32 25.19 22.28
C LYS C 162 -16.67 24.53 20.97
N ILE C 163 -16.07 23.37 20.74
CA ILE C 163 -16.45 22.54 19.59
C ILE C 163 -17.13 21.25 20.04
N TYR C 164 -18.37 21.06 19.59
CA TYR C 164 -19.07 19.80 19.79
C TYR C 164 -19.05 18.97 18.53
N ILE C 165 -18.78 17.68 18.69
CA ILE C 165 -18.82 16.74 17.58
C ILE C 165 -19.88 15.68 17.88
N ASN C 166 -20.90 15.58 17.03
CA ASN C 166 -22.02 14.65 17.25
C ASN C 166 -22.62 14.77 18.64
N GLY C 167 -22.73 16.00 19.15
CA GLY C 167 -23.37 16.21 20.43
C GLY C 167 -22.46 16.18 21.65
N LYS C 168 -21.19 15.82 21.46
CA LYS C 168 -20.28 15.75 22.59
C LYS C 168 -19.17 16.81 22.54
N LEU C 169 -18.86 17.38 23.69
CA LEU C 169 -17.81 18.38 23.79
C LEU C 169 -16.43 17.77 23.52
N GLU C 170 -15.73 18.26 22.52
CA GLU C 170 -14.40 17.72 22.19
C GLU C 170 -13.30 18.74 22.47
N SER C 171 -13.62 20.02 22.38
CA SER C 171 -12.59 21.06 22.53
C SER C 171 -13.15 22.35 23.11
N ASN C 172 -12.28 23.10 23.79
CA ASN C 172 -12.67 24.26 24.55
C ASN C 172 -11.47 25.21 24.73
N THR C 173 -11.54 26.38 24.12
CA THR C 173 -10.49 27.38 24.27
C THR C 173 -11.01 28.53 25.10
N ASP C 174 -10.28 28.87 26.14
CA ASP C 174 -10.60 30.06 26.91
C ASP C 174 -10.34 31.32 26.08
N ILE C 175 -11.41 32.06 25.75
CA ILE C 175 -11.26 33.29 24.96
C ILE C 175 -11.53 34.54 25.80
N LYS C 176 -11.37 34.39 27.12
CA LYS C 176 -11.46 35.48 28.10
C LYS C 176 -10.93 36.79 27.57
N ASP C 177 -9.74 36.74 26.99
CA ASP C 177 -8.99 37.93 26.63
C ASP C 177 -9.32 38.47 25.25
N ILE C 178 -10.16 37.76 24.51
CA ILE C 178 -10.60 38.26 23.21
C ILE C 178 -11.50 39.49 23.44
N ARG C 179 -11.29 40.54 22.66
CA ARG C 179 -12.07 41.76 22.82
C ARG C 179 -13.11 41.80 21.70
N GLU C 180 -13.64 42.97 21.37
CA GLU C 180 -14.71 43.01 20.37
C GLU C 180 -14.35 42.31 19.04
N VAL C 181 -15.26 41.46 18.57
CA VAL C 181 -15.10 40.79 17.29
C VAL C 181 -16.14 41.29 16.28
N ILE C 182 -15.70 41.75 15.11
CA ILE C 182 -16.64 42.19 14.09
C ILE C 182 -17.23 40.98 13.35
N ALA C 183 -18.55 40.81 13.44
CA ALA C 183 -19.17 39.60 12.93
C ALA C 183 -20.27 39.87 11.91
N ASN C 184 -20.40 41.11 11.44
CA ASN C 184 -21.42 41.42 10.44
C ASN C 184 -20.89 41.35 9.01
N GLY C 185 -19.73 40.74 8.84
CA GLY C 185 -19.16 40.59 7.51
C GLY C 185 -19.88 39.59 6.61
N GLU C 186 -19.54 39.62 5.33
CA GLU C 186 -20.03 38.61 4.40
C GLU C 186 -19.49 37.25 4.81
N ILE C 187 -20.31 36.22 4.62
CA ILE C 187 -19.88 34.85 4.85
C ILE C 187 -19.50 34.22 3.53
N ILE C 188 -18.22 33.86 3.39
CA ILE C 188 -17.75 33.28 2.13
C ILE C 188 -17.45 31.79 2.27
N PHE C 189 -18.19 30.98 1.50
CA PHE C 189 -17.97 29.53 1.45
C PHE C 189 -17.06 29.22 0.27
N LYS C 190 -15.78 28.92 0.55
CA LYS C 190 -14.83 28.61 -0.53
C LYS C 190 -13.55 28.02 0.05
N LEU C 191 -13.03 26.98 -0.61
CA LEU C 191 -11.71 26.46 -0.28
C LEU C 191 -10.70 27.56 -0.61
N ASP C 192 -9.92 27.94 0.39
CA ASP C 192 -8.96 29.03 0.24
C ASP C 192 -7.64 28.62 0.91
N GLY C 193 -6.66 28.27 0.10
CA GLY C 193 -5.39 27.82 0.62
C GLY C 193 -4.59 27.13 -0.45
N ASP C 194 -3.41 26.65 -0.10
CA ASP C 194 -2.59 25.93 -1.07
C ASP C 194 -3.06 24.48 -1.15
N ILE C 195 -4.13 24.26 -1.91
CA ILE C 195 -4.82 22.99 -1.98
C ILE C 195 -4.49 22.20 -3.25
N ASP C 196 -4.59 20.88 -3.18
CA ASP C 196 -4.55 20.02 -4.35
C ASP C 196 -5.82 20.23 -5.18
N ARG C 197 -5.70 20.16 -6.49
CA ARG C 197 -6.85 20.35 -7.37
C ARG C 197 -7.94 19.33 -7.07
N THR C 198 -7.58 18.19 -6.49
CA THR C 198 -8.57 17.16 -6.18
C THR C 198 -9.29 17.42 -4.86
N GLN C 199 -8.88 18.46 -4.12
CA GLN C 199 -9.47 18.69 -2.80
C GLN C 199 -10.94 19.10 -2.87
N PHE C 200 -11.75 18.62 -1.94
CA PHE C 200 -13.14 19.01 -1.87
C PHE C 200 -13.67 18.79 -0.47
N ILE C 201 -14.85 19.34 -0.23
CA ILE C 201 -15.50 19.32 1.08
C ILE C 201 -17.01 19.21 0.85
N TRP C 202 -17.68 18.28 1.52
CA TRP C 202 -19.15 18.27 1.50
C TRP C 202 -19.65 18.87 2.82
N MET C 203 -20.72 19.67 2.75
CA MET C 203 -21.41 20.22 3.92
C MET C 203 -22.93 20.18 3.73
N LYS C 204 -23.64 20.31 4.86
CA LYS C 204 -25.08 20.17 4.92
C LYS C 204 -25.58 20.94 6.17
N TYR C 205 -26.75 21.56 6.05
CA TYR C 205 -27.46 22.18 7.19
C TYR C 205 -26.68 23.28 7.92
N PHE C 206 -26.01 24.16 7.18
CA PHE C 206 -25.27 25.22 7.83
C PHE C 206 -26.23 26.23 8.49
N SER C 207 -26.06 26.42 9.80
CA SER C 207 -26.92 27.31 10.58
C SER C 207 -26.14 28.18 11.56
N ILE C 208 -26.70 29.34 11.90
CA ILE C 208 -26.11 30.25 12.87
C ILE C 208 -27.11 30.72 13.90
N PHE C 209 -26.71 30.71 15.18
CA PHE C 209 -27.62 31.04 16.28
C PHE C 209 -27.13 32.27 17.04
N ASN C 210 -28.05 33.13 17.46
CA ASN C 210 -27.64 34.34 18.18
C ASN C 210 -27.50 34.08 19.68
N THR C 211 -27.10 32.86 20.04
CA THR C 211 -26.86 32.51 21.43
C THR C 211 -25.83 31.39 21.54
N GLU C 212 -25.28 31.18 22.73
CA GLU C 212 -24.42 30.05 23.00
C GLU C 212 -25.29 28.84 23.29
N LEU C 213 -25.27 27.85 22.41
CA LEU C 213 -26.13 26.67 22.61
C LEU C 213 -25.66 25.82 23.78
N SER C 214 -26.60 25.34 24.59
CA SER C 214 -26.25 24.37 25.63
C SER C 214 -25.96 22.97 25.02
N GLN C 215 -25.25 22.12 25.76
N GLN C 215 -25.29 22.12 25.79
CA GLN C 215 -24.98 20.77 25.28
CA GLN C 215 -24.94 20.78 25.33
C GLN C 215 -26.28 20.06 24.95
C GLN C 215 -26.20 19.93 25.09
N SER C 216 -27.26 20.19 25.84
CA SER C 216 -28.50 19.43 25.70
C SER C 216 -29.26 19.85 24.45
N ASN C 217 -29.18 21.14 24.13
CA ASN C 217 -29.75 21.69 22.90
C ASN C 217 -29.09 21.09 21.66
N ILE C 218 -27.77 20.98 21.71
CA ILE C 218 -26.96 20.51 20.60
C ILE C 218 -27.14 19.00 20.36
N GLU C 219 -27.18 18.23 21.45
CA GLU C 219 -27.51 16.82 21.36
C GLU C 219 -28.90 16.63 20.77
N GLU C 220 -29.84 17.49 21.13
CA GLU C 220 -31.19 17.38 20.58
C GLU C 220 -31.19 17.67 19.07
N ARG C 221 -30.44 18.68 18.65
CA ARG C 221 -30.35 19.01 17.24
C ARG C 221 -29.69 17.89 16.42
N TYR C 222 -28.77 17.19 17.05
CA TYR C 222 -28.05 16.09 16.42
C TYR C 222 -29.01 14.94 16.11
N LYS C 223 -29.87 14.63 17.08
CA LYS C 223 -30.81 13.53 16.88
C LYS C 223 -31.84 13.89 15.81
N ILE C 224 -32.41 15.09 15.93
CA ILE C 224 -33.39 15.56 14.96
C ILE C 224 -32.83 15.61 13.54
N GLN C 225 -31.61 16.13 13.38
CA GLN C 225 -31.00 16.22 12.05
C GLN C 225 -30.48 14.85 11.57
N SER C 226 -30.27 13.92 12.51
CA SER C 226 -29.88 12.56 12.15
C SER C 226 -31.04 11.72 11.67
N TYR C 227 -32.26 12.08 12.06
CA TYR C 227 -33.41 11.21 11.86
C TYR C 227 -33.83 11.07 10.39
N SER C 228 -34.06 9.83 9.95
CA SER C 228 -34.67 9.58 8.65
C SER C 228 -35.44 8.26 8.59
N GLU C 229 -36.38 8.20 7.66
CA GLU C 229 -37.11 6.97 7.37
C GLU C 229 -36.18 5.95 6.75
N TYR C 230 -35.13 6.44 6.09
CA TYR C 230 -34.26 5.53 5.40
C TYR C 230 -33.02 5.21 6.21
N LEU C 231 -32.40 4.10 5.86
CA LEU C 231 -31.14 3.69 6.43
C LEU C 231 -30.02 4.40 5.71
N LYS C 232 -28.85 4.36 6.32
CA LYS C 232 -27.70 5.04 5.76
C LYS C 232 -26.62 4.05 5.38
N ASP C 233 -25.72 4.44 4.47
CA ASP C 233 -24.57 3.61 4.19
C ASP C 233 -23.48 4.02 5.16
N PHE C 234 -22.33 3.35 5.08
CA PHE C 234 -21.15 3.61 5.92
C PHE C 234 -20.71 5.08 5.94
N TRP C 235 -20.90 5.80 4.83
CA TRP C 235 -20.46 7.18 4.79
C TRP C 235 -21.51 8.12 5.39
N GLY C 236 -22.72 7.61 5.63
CA GLY C 236 -23.77 8.45 6.18
C GLY C 236 -24.78 8.94 5.16
N ASN C 237 -24.56 8.57 3.91
CA ASN C 237 -25.52 8.83 2.84
C ASN C 237 -26.65 7.81 2.84
N PRO C 238 -27.79 8.13 2.19
CA PRO C 238 -28.90 7.18 2.14
C PRO C 238 -28.53 5.82 1.54
N LEU C 239 -29.05 4.75 2.14
CA LEU C 239 -28.83 3.42 1.63
C LEU C 239 -29.70 3.22 0.39
N MET C 240 -29.14 2.61 -0.64
CA MET C 240 -29.84 2.44 -1.91
C MET C 240 -29.97 0.99 -2.35
N TYR C 241 -31.05 0.71 -3.08
CA TYR C 241 -31.19 -0.48 -3.89
C TYR C 241 -30.32 -0.43 -5.14
N ASN C 242 -29.90 -1.61 -5.61
CA ASN C 242 -29.26 -1.75 -6.92
C ASN C 242 -27.88 -1.10 -6.98
N LYS C 243 -27.25 -1.05 -5.81
CA LYS C 243 -25.94 -0.43 -5.66
C LYS C 243 -24.94 -1.37 -4.97
N GLU C 244 -23.77 -1.53 -5.59
CA GLU C 244 -22.72 -2.37 -5.03
C GLU C 244 -22.23 -1.81 -3.70
N TYR C 245 -22.17 -2.67 -2.69
CA TYR C 245 -21.67 -2.32 -1.38
C TYR C 245 -20.77 -3.44 -0.86
N TYR C 246 -19.67 -3.07 -0.21
CA TYR C 246 -18.91 -4.02 0.58
C TYR C 246 -19.58 -3.98 1.95
N MET C 247 -19.42 -5.03 2.76
CA MET C 247 -20.09 -5.03 4.05
C MET C 247 -19.09 -4.94 5.20
N PHE C 248 -19.49 -4.20 6.21
CA PHE C 248 -18.69 -3.92 7.40
C PHE C 248 -19.48 -4.42 8.59
N ASN C 249 -18.82 -4.96 9.60
CA ASN C 249 -19.51 -5.45 10.78
C ASN C 249 -19.06 -4.67 12.00
N ALA C 250 -19.99 -3.95 12.59
CA ALA C 250 -19.67 -3.05 13.71
C ALA C 250 -19.16 -3.78 14.95
N GLY C 251 -19.32 -5.10 14.99
CA GLY C 251 -18.88 -5.89 16.12
C GLY C 251 -17.62 -6.69 15.80
N ASN C 252 -17.27 -6.71 14.53
CA ASN C 252 -15.98 -7.26 14.11
C ASN C 252 -15.34 -6.31 13.11
N LYS C 253 -14.98 -5.13 13.61
CA LYS C 253 -14.37 -4.04 12.84
C LYS C 253 -13.44 -4.50 11.73
N ASN C 254 -12.49 -5.36 12.08
CA ASN C 254 -11.41 -5.72 11.17
C ASN C 254 -11.67 -6.99 10.33
N SER C 255 -12.93 -7.40 10.24
CA SER C 255 -13.29 -8.62 9.50
C SER C 255 -14.14 -8.34 8.25
N TYR C 256 -14.15 -9.29 7.32
CA TYR C 256 -14.99 -9.20 6.13
C TYR C 256 -15.39 -10.59 5.60
N ILE C 257 -16.29 -10.60 4.63
CA ILE C 257 -16.90 -11.82 4.14
C ILE C 257 -16.33 -12.25 2.79
N LYS C 258 -16.02 -13.54 2.65
CA LYS C 258 -15.67 -14.10 1.35
C LYS C 258 -16.32 -15.45 1.16
N LEU C 259 -16.82 -15.71 -0.05
CA LEU C 259 -17.30 -17.04 -0.40
C LEU C 259 -16.18 -18.06 -0.16
N LYS C 260 -16.46 -19.04 0.68
CA LYS C 260 -15.46 -20.06 0.96
C LYS C 260 -15.32 -20.91 -0.29
N LYS C 261 -14.09 -21.27 -0.64
CA LYS C 261 -13.83 -21.96 -1.89
C LYS C 261 -14.42 -23.37 -1.85
N ASP C 262 -15.27 -23.66 -2.84
CA ASP C 262 -15.98 -24.93 -2.90
C ASP C 262 -16.82 -25.19 -1.64
N SER C 263 -17.66 -24.20 -1.30
CA SER C 263 -18.59 -24.34 -0.19
C SER C 263 -19.62 -23.22 -0.26
N PRO C 264 -20.91 -23.55 -0.08
CA PRO C 264 -21.95 -22.51 -0.14
C PRO C 264 -22.03 -21.65 1.12
N VAL C 265 -20.89 -21.26 1.69
CA VAL C 265 -20.91 -20.40 2.87
C VAL C 265 -19.93 -19.24 2.74
N GLY C 266 -20.19 -18.21 3.55
CA GLY C 266 -19.29 -17.08 3.62
C GLY C 266 -18.40 -17.22 4.84
N GLU C 267 -17.09 -17.33 4.59
CA GLU C 267 -16.13 -17.34 5.68
C GLU C 267 -15.79 -15.92 6.05
N ILE C 268 -15.16 -15.75 7.21
CA ILE C 268 -14.80 -14.43 7.70
C ILE C 268 -13.28 -14.27 7.74
N LEU C 269 -12.77 -13.27 7.02
CA LEU C 269 -11.32 -13.05 6.94
C LEU C 269 -10.93 -11.70 7.52
N THR C 270 -9.65 -11.51 7.80
CA THR C 270 -9.16 -10.28 8.41
C THR C 270 -8.74 -9.25 7.36
N ARG C 271 -9.31 -8.05 7.46
CA ARG C 271 -8.99 -6.97 6.54
C ARG C 271 -7.48 -6.73 6.49
N SER C 272 -6.98 -6.58 5.28
CA SER C 272 -5.57 -6.24 5.10
C SER C 272 -5.34 -4.78 5.55
N LYS C 273 -4.10 -4.49 5.94
CA LYS C 273 -3.72 -3.16 6.43
C LYS C 273 -3.01 -2.34 5.37
N TYR C 274 -3.11 -1.02 5.50
CA TYR C 274 -2.28 -0.10 4.74
C TYR C 274 -0.82 -0.54 4.72
N ASN C 275 -0.33 -0.96 3.55
CA ASN C 275 1.04 -1.43 3.40
C ASN C 275 1.86 -0.59 2.43
N GLN C 276 1.97 0.69 2.76
CA GLN C 276 3.00 1.56 2.22
C GLN C 276 3.71 2.12 3.45
N ASN C 277 5.01 2.34 3.37
CA ASN C 277 5.73 2.65 4.59
C ASN C 277 5.68 4.13 4.97
N SER C 278 4.52 4.55 5.50
CA SER C 278 4.37 5.88 6.08
C SER C 278 3.78 5.75 7.49
N LYS C 279 4.50 6.27 8.49
CA LYS C 279 4.14 6.07 9.89
C LYS C 279 3.20 7.14 10.45
N TYR C 280 2.70 8.03 9.59
CA TYR C 280 1.75 9.04 10.02
C TYR C 280 0.31 8.52 9.89
N ILE C 281 0.10 7.58 8.97
CA ILE C 281 -1.23 7.08 8.71
C ILE C 281 -1.34 5.57 8.89
N ASN C 282 -2.54 5.10 9.22
CA ASN C 282 -2.88 3.69 9.20
C ASN C 282 -4.39 3.50 9.07
N TYR C 283 -4.80 2.50 8.28
CA TYR C 283 -6.20 2.12 8.11
C TYR C 283 -6.31 0.66 7.67
N ARG C 284 -7.47 0.06 7.87
CA ARG C 284 -7.79 -1.23 7.27
C ARG C 284 -8.49 -0.98 5.93
N ASP C 285 -8.24 -1.85 4.97
CA ASP C 285 -8.88 -1.71 3.67
C ASP C 285 -10.39 -1.90 3.78
N LEU C 286 -11.14 -1.11 3.02
CA LEU C 286 -12.60 -1.14 3.09
C LEU C 286 -13.22 -1.81 1.88
N TYR C 287 -12.52 -1.75 0.76
CA TYR C 287 -13.09 -2.22 -0.50
C TYR C 287 -12.68 -3.66 -0.69
N ILE C 288 -13.17 -4.53 0.19
CA ILE C 288 -12.77 -5.93 0.17
C ILE C 288 -13.89 -6.82 0.64
N GLY C 289 -13.80 -8.08 0.24
CA GLY C 289 -14.86 -9.01 0.48
C GLY C 289 -15.81 -8.97 -0.68
N GLU C 290 -16.91 -9.71 -0.56
CA GLU C 290 -17.82 -9.85 -1.68
C GLU C 290 -18.54 -8.53 -1.98
N LYS C 291 -18.75 -8.26 -3.25
CA LYS C 291 -19.56 -7.11 -3.63
C LYS C 291 -21.02 -7.48 -3.47
N PHE C 292 -21.63 -6.97 -2.41
CA PHE C 292 -23.05 -7.20 -2.19
C PHE C 292 -23.90 -6.19 -2.94
N ILE C 293 -25.19 -6.46 -3.02
CA ILE C 293 -26.12 -5.53 -3.63
C ILE C 293 -27.51 -5.85 -3.08
N ILE C 294 -28.24 -4.78 -2.75
CA ILE C 294 -29.58 -4.89 -2.19
C ILE C 294 -30.65 -4.77 -3.25
N ARG C 295 -31.52 -5.78 -3.33
CA ARG C 295 -32.64 -5.76 -4.27
C ARG C 295 -33.96 -5.63 -3.53
N ARG C 296 -34.90 -4.96 -4.20
CA ARG C 296 -36.23 -4.70 -3.66
C ARG C 296 -37.12 -5.92 -3.86
N LYS C 297 -37.98 -6.19 -2.89
CA LYS C 297 -39.05 -7.16 -3.10
C LYS C 297 -40.38 -6.43 -3.13
N SER C 298 -40.95 -6.28 -4.32
CA SER C 298 -42.23 -5.56 -4.48
C SER C 298 -43.40 -6.52 -4.37
N ASP C 305 -38.22 4.63 -5.70
CA ASP C 305 -37.29 5.75 -5.84
C ASP C 305 -35.86 5.34 -5.47
N ASP C 306 -35.72 4.06 -5.12
CA ASP C 306 -34.45 3.36 -4.95
C ASP C 306 -33.76 3.59 -3.61
N ILE C 307 -34.40 4.36 -2.74
CA ILE C 307 -33.92 4.52 -1.37
C ILE C 307 -34.41 3.38 -0.45
N VAL C 308 -33.50 2.81 0.33
CA VAL C 308 -33.88 1.72 1.23
C VAL C 308 -34.41 2.27 2.56
N ARG C 309 -35.67 1.94 2.88
CA ARG C 309 -36.30 2.41 4.10
C ARG C 309 -36.40 1.35 5.18
N LYS C 310 -36.50 1.80 6.44
CA LYS C 310 -36.68 0.89 7.56
C LYS C 310 -37.92 0.01 7.33
N GLU C 311 -37.83 -1.25 7.78
CA GLU C 311 -38.90 -2.24 7.68
C GLU C 311 -39.15 -2.75 6.25
N ASP C 312 -38.33 -2.30 5.29
CA ASP C 312 -38.42 -2.79 3.93
C ASP C 312 -38.04 -4.27 3.90
N TYR C 313 -38.73 -5.01 3.03
CA TYR C 313 -38.37 -6.38 2.75
C TYR C 313 -37.46 -6.39 1.52
N ILE C 314 -36.38 -7.14 1.63
CA ILE C 314 -35.29 -7.07 0.68
C ILE C 314 -34.71 -8.47 0.39
N TYR C 315 -33.97 -8.57 -0.71
CA TYR C 315 -33.05 -9.69 -0.91
C TYR C 315 -31.64 -9.14 -0.81
N LEU C 316 -30.78 -9.86 -0.08
CA LEU C 316 -29.35 -9.53 -0.04
C LEU C 316 -28.61 -10.43 -1.03
N ASP C 317 -28.09 -9.79 -2.08
CA ASP C 317 -27.34 -10.51 -3.11
C ASP C 317 -25.88 -10.12 -3.10
N PHE C 318 -25.08 -10.88 -3.87
CA PHE C 318 -23.69 -10.51 -4.10
C PHE C 318 -23.27 -11.11 -5.41
N PHE C 319 -22.24 -10.56 -5.99
CA PHE C 319 -21.81 -11.02 -7.27
C PHE C 319 -20.72 -12.07 -7.16
N ASN C 320 -21.03 -13.24 -7.63
CA ASN C 320 -20.06 -14.30 -7.70
C ASN C 320 -19.63 -14.42 -9.13
N LEU C 321 -18.42 -13.99 -9.40
CA LEU C 321 -17.95 -13.75 -10.75
C LEU C 321 -19.02 -12.98 -11.50
N ASN C 322 -19.48 -13.50 -12.63
CA ASN C 322 -20.53 -12.87 -13.39
C ASN C 322 -21.92 -13.34 -13.06
N GLN C 323 -22.11 -13.87 -11.88
CA GLN C 323 -23.42 -14.31 -11.46
C GLN C 323 -23.91 -13.63 -10.17
N GLU C 324 -25.15 -13.16 -10.16
CA GLU C 324 -25.69 -12.61 -8.93
C GLU C 324 -26.23 -13.74 -8.04
N TRP C 325 -25.56 -14.00 -6.93
CA TRP C 325 -26.01 -14.99 -5.94
C TRP C 325 -26.80 -14.31 -4.82
N ARG C 326 -27.23 -15.11 -3.85
CA ARG C 326 -28.18 -14.63 -2.86
C ARG C 326 -27.95 -15.27 -1.50
N VAL C 327 -28.11 -14.46 -0.46
CA VAL C 327 -27.98 -14.93 0.91
C VAL C 327 -29.29 -15.58 1.38
N TYR C 328 -29.22 -16.87 1.68
CA TYR C 328 -30.35 -17.64 2.21
C TYR C 328 -30.09 -18.18 3.61
N THR C 329 -31.15 -18.59 4.30
CA THR C 329 -31.02 -19.38 5.51
C THR C 329 -31.93 -20.61 5.45
N TYR C 330 -31.42 -21.73 5.97
CA TYR C 330 -32.22 -22.95 6.19
C TYR C 330 -33.46 -22.59 6.97
N LYS C 331 -34.60 -23.18 6.58
CA LYS C 331 -35.85 -22.95 7.33
C LYS C 331 -35.80 -23.65 8.69
N TYR C 332 -35.27 -24.87 8.72
CA TYR C 332 -35.29 -25.68 9.92
C TYR C 332 -33.89 -26.09 10.36
N PHE C 333 -33.28 -25.29 11.22
CA PHE C 333 -31.99 -25.64 11.80
C PHE C 333 -32.12 -25.77 13.31
N LYS C 334 -31.20 -26.53 13.92
CA LYS C 334 -31.33 -26.95 15.32
C LYS C 334 -30.88 -25.90 16.33
N LYS C 335 -29.64 -25.41 16.18
CA LYS C 335 -29.00 -24.59 17.21
C LYS C 335 -29.46 -23.14 17.27
N GLU C 336 -28.83 -22.38 18.16
CA GLU C 336 -29.00 -20.93 18.22
C GLU C 336 -28.52 -20.29 16.91
N GLU C 337 -27.40 -20.78 16.40
CA GLU C 337 -26.75 -20.22 15.21
C GLU C 337 -26.62 -21.23 14.07
N GLU C 338 -26.79 -20.76 12.83
CA GLU C 338 -26.51 -21.57 11.64
C GLU C 338 -25.79 -20.72 10.59
N LYS C 339 -24.90 -21.36 9.82
CA LYS C 339 -24.26 -20.69 8.70
C LYS C 339 -25.29 -20.31 7.64
N LEU C 340 -25.14 -19.11 7.08
CA LEU C 340 -25.97 -18.68 5.98
C LEU C 340 -25.64 -19.49 4.73
N PHE C 341 -26.60 -19.60 3.83
CA PHE C 341 -26.43 -20.40 2.63
C PHE C 341 -26.36 -19.51 1.37
N LEU C 342 -25.21 -19.52 0.71
CA LEU C 342 -24.96 -18.66 -0.46
C LEU C 342 -25.02 -19.49 -1.73
N ALA C 343 -25.83 -19.03 -2.67
CA ALA C 343 -26.19 -19.85 -3.82
C ALA C 343 -26.88 -18.99 -4.86
N PRO C 344 -26.94 -19.46 -6.11
CA PRO C 344 -27.69 -18.78 -7.17
C PRO C 344 -29.11 -18.40 -6.77
N ILE C 345 -29.74 -17.52 -7.54
CA ILE C 345 -31.12 -17.16 -7.28
C ILE C 345 -32.07 -18.27 -7.71
N SER C 346 -32.83 -18.82 -6.75
CA SER C 346 -33.91 -19.74 -7.09
C SER C 346 -34.81 -19.98 -5.90
N ASP C 347 -36.11 -20.04 -6.15
CA ASP C 347 -37.06 -20.29 -5.08
C ASP C 347 -36.89 -21.74 -4.63
N SER C 348 -37.07 -21.96 -3.33
CA SER C 348 -36.91 -23.28 -2.76
C SER C 348 -37.71 -23.39 -1.47
N ASP C 349 -38.28 -24.57 -1.25
CA ASP C 349 -39.07 -24.82 -0.06
C ASP C 349 -38.18 -25.00 1.15
N GLU C 350 -36.90 -25.23 0.88
CA GLU C 350 -35.90 -25.51 1.90
C GLU C 350 -35.35 -24.27 2.59
N PHE C 351 -35.36 -23.12 1.91
CA PHE C 351 -34.68 -21.92 2.43
C PHE C 351 -35.56 -20.67 2.52
N TYR C 352 -35.25 -19.83 3.50
CA TYR C 352 -35.81 -18.49 3.53
C TYR C 352 -34.96 -17.58 2.66
N ASN C 353 -35.61 -16.68 1.92
CA ASN C 353 -34.92 -15.76 1.02
C ASN C 353 -35.14 -14.28 1.37
N THR C 354 -36.18 -14.01 2.14
CA THR C 354 -36.58 -12.63 2.38
C THR C 354 -36.03 -12.12 3.70
N ILE C 355 -35.39 -10.95 3.63
CA ILE C 355 -34.88 -10.25 4.80
C ILE C 355 -35.68 -8.97 5.04
N GLN C 356 -35.96 -8.67 6.30
CA GLN C 356 -36.47 -7.37 6.66
C GLN C 356 -35.32 -6.50 7.20
N ILE C 357 -35.07 -5.36 6.56
CA ILE C 357 -34.00 -4.47 7.04
C ILE C 357 -34.50 -3.60 8.22
N LYS C 358 -33.72 -3.61 9.30
CA LYS C 358 -34.18 -3.06 10.57
C LYS C 358 -33.27 -1.95 11.12
N GLU C 359 -33.81 -1.22 12.10
CA GLU C 359 -33.01 -0.28 12.87
C GLU C 359 -33.40 -0.36 14.32
N TYR C 360 -32.71 -1.18 15.10
CA TYR C 360 -33.10 -1.31 16.50
C TYR C 360 -32.54 -0.18 17.36
N ASP C 361 -31.40 0.40 16.95
CA ASP C 361 -30.78 1.51 17.70
C ASP C 361 -31.70 2.72 17.75
N GLU C 362 -31.92 3.24 18.96
CA GLU C 362 -32.70 4.46 19.11
C GLU C 362 -31.84 5.72 18.84
N GLN C 363 -30.52 5.61 19.03
CA GLN C 363 -29.60 6.73 18.84
C GLN C 363 -29.09 6.78 17.41
N PRO C 364 -28.60 7.95 16.97
CA PRO C 364 -28.08 8.04 15.59
C PRO C 364 -27.02 6.97 15.32
N THR C 365 -27.04 6.36 14.14
CA THR C 365 -26.07 5.34 13.79
C THR C 365 -26.11 5.08 12.30
N TYR C 366 -25.05 4.51 11.77
CA TYR C 366 -25.05 4.11 10.36
C TYR C 366 -25.17 2.58 10.24
N SER C 367 -25.20 1.91 11.38
CA SER C 367 -25.45 0.48 11.39
C SER C 367 -26.92 0.21 11.15
N CYS C 368 -27.18 -0.90 10.46
CA CYS C 368 -28.52 -1.46 10.37
C CYS C 368 -28.45 -2.95 10.71
N GLN C 369 -29.61 -3.57 10.91
CA GLN C 369 -29.69 -4.98 11.26
C GLN C 369 -30.53 -5.72 10.23
N LEU C 370 -30.27 -7.02 10.05
CA LEU C 370 -30.94 -7.78 9.01
C LEU C 370 -31.66 -9.01 9.56
N LEU C 371 -33.00 -8.97 9.47
CA LEU C 371 -33.90 -9.96 10.08
C LEU C 371 -34.56 -10.89 9.06
N PHE C 372 -34.39 -12.20 9.27
CA PHE C 372 -35.16 -13.19 8.53
C PHE C 372 -36.48 -13.47 9.22
N LYS C 373 -37.58 -13.34 8.49
CA LYS C 373 -38.87 -13.79 9.00
C LYS C 373 -39.51 -14.76 8.01
N LYS C 374 -40.44 -15.59 8.49
CA LYS C 374 -41.07 -16.60 7.64
C LYS C 374 -41.70 -15.95 6.41
N ASP C 375 -42.50 -14.91 6.63
CA ASP C 375 -42.98 -14.06 5.55
C ASP C 375 -43.30 -12.63 6.03
N GLU C 376 -43.76 -11.80 5.10
CA GLU C 376 -44.12 -10.41 5.37
C GLU C 376 -45.15 -10.22 6.49
N GLU C 377 -46.11 -11.13 6.62
CA GLU C 377 -47.23 -10.93 7.55
C GLU C 377 -47.11 -11.70 8.87
N SER C 378 -46.15 -12.62 8.96
CA SER C 378 -45.95 -13.38 10.19
C SER C 378 -45.13 -12.59 11.19
N THR C 379 -45.26 -12.95 12.46
CA THR C 379 -44.59 -12.23 13.54
C THR C 379 -43.42 -13.02 14.10
N ASP C 380 -43.36 -14.31 13.77
CA ASP C 380 -42.25 -15.14 14.26
C ASP C 380 -40.97 -14.82 13.51
N GLU C 381 -39.87 -14.75 14.25
CA GLU C 381 -38.61 -14.34 13.67
C GLU C 381 -37.62 -15.49 13.74
N ILE C 382 -36.93 -15.71 12.63
CA ILE C 382 -35.99 -16.82 12.55
C ILE C 382 -34.69 -16.39 13.21
N GLY C 383 -34.27 -15.16 12.96
CA GLY C 383 -33.03 -14.65 13.53
C GLY C 383 -32.49 -13.43 12.82
N LEU C 384 -31.34 -12.97 13.30
CA LEU C 384 -30.66 -11.81 12.73
C LEU C 384 -29.36 -12.27 12.09
N ILE C 385 -28.95 -11.57 11.05
CA ILE C 385 -27.71 -11.88 10.39
C ILE C 385 -26.52 -11.34 11.20
N GLY C 386 -25.51 -12.17 11.35
CA GLY C 386 -24.33 -11.76 12.09
C GLY C 386 -23.13 -12.64 11.78
N ILE C 387 -22.26 -12.76 12.78
CA ILE C 387 -21.07 -13.59 12.67
C ILE C 387 -20.98 -14.44 13.92
N HIS C 388 -20.51 -15.69 13.78
CA HIS C 388 -20.34 -16.60 14.90
C HIS C 388 -19.15 -17.54 14.70
N ARG C 389 -18.54 -17.98 15.79
CA ARG C 389 -17.44 -18.94 15.70
C ARG C 389 -17.96 -20.38 15.78
N PHE C 390 -17.64 -21.19 14.77
CA PHE C 390 -18.08 -22.59 14.71
C PHE C 390 -16.93 -23.59 14.78
N TYR C 391 -17.28 -24.86 15.00
CA TYR C 391 -16.32 -25.97 15.01
C TYR C 391 -15.72 -26.23 13.63
N TYR C 400 -11.69 -24.28 15.38
CA TYR C 400 -12.74 -23.27 15.36
C TYR C 400 -12.52 -22.18 14.31
N LYS C 401 -13.61 -21.64 13.77
CA LYS C 401 -13.58 -20.73 12.61
C LYS C 401 -14.80 -19.80 12.52
N ASP C 402 -14.59 -18.55 12.13
CA ASP C 402 -15.70 -17.57 12.03
C ASP C 402 -16.45 -17.68 10.71
N TYR C 403 -17.78 -17.54 10.76
CA TYR C 403 -18.62 -17.65 9.57
C TYR C 403 -19.77 -16.64 9.55
N PHE C 404 -20.10 -16.16 8.34
CA PHE C 404 -21.34 -15.43 8.04
C PHE C 404 -22.56 -16.25 8.50
N CYS C 405 -23.36 -15.71 9.42
CA CYS C 405 -24.38 -16.54 10.08
C CYS C 405 -25.74 -15.89 10.37
N ILE C 406 -26.67 -16.72 10.83
CA ILE C 406 -27.90 -16.22 11.43
C ILE C 406 -27.97 -16.69 12.89
N SER C 407 -28.47 -15.85 13.77
CA SER C 407 -28.51 -16.18 15.18
C SER C 407 -29.82 -15.75 15.83
N LYS C 408 -30.41 -16.64 16.62
CA LYS C 408 -31.57 -16.31 17.42
C LYS C 408 -31.11 -15.56 18.67
N TRP C 409 -29.82 -15.71 18.99
CA TRP C 409 -29.26 -15.09 20.17
C TRP C 409 -29.39 -13.56 20.13
N TYR C 410 -29.28 -12.98 18.94
CA TYR C 410 -29.38 -11.53 18.77
C TYR C 410 -30.76 -10.98 19.14
N LEU C 411 -31.80 -11.79 18.96
CA LEU C 411 -33.18 -11.30 19.04
C LEU C 411 -33.50 -10.67 20.39
N LYS C 412 -32.96 -11.27 21.44
CA LYS C 412 -33.10 -10.73 22.80
C LYS C 412 -32.09 -9.59 23.04
N GLU C 413 -30.90 -9.71 22.46
CA GLU C 413 -29.81 -8.77 22.72
C GLU C 413 -30.09 -7.35 22.20
N VAL C 414 -30.84 -7.24 21.11
CA VAL C 414 -31.16 -5.93 20.54
C VAL C 414 -32.22 -5.17 21.36
N LYS C 415 -32.91 -5.87 22.26
CA LYS C 415 -33.95 -5.25 23.09
C LYS C 415 -33.36 -4.61 24.34
N ARG C 416 -32.07 -4.79 24.56
CA ARG C 416 -31.42 -4.23 25.74
C ARG C 416 -31.05 -2.76 25.52
N LYS C 417 -31.46 -1.91 26.45
CA LYS C 417 -31.12 -0.49 26.45
C LYS C 417 -30.09 -0.21 27.53
N PRO C 418 -29.05 0.58 27.22
CA PRO C 418 -28.78 1.23 25.94
C PRO C 418 -28.39 0.23 24.85
N TYR C 419 -28.60 0.61 23.60
CA TYR C 419 -28.35 -0.31 22.51
C TYR C 419 -26.87 -0.63 22.38
N ASN C 420 -26.59 -1.93 22.20
CA ASN C 420 -25.22 -2.42 22.13
C ASN C 420 -24.65 -2.29 20.72
N LEU C 421 -23.85 -1.25 20.51
CA LEU C 421 -23.29 -0.93 19.19
C LEU C 421 -22.35 -2.01 18.64
N LYS C 422 -21.80 -2.82 19.54
CA LYS C 422 -20.78 -3.77 19.17
C LYS C 422 -21.36 -5.17 18.95
N LEU C 423 -22.68 -5.28 18.90
CA LEU C 423 -23.30 -6.55 18.56
C LEU C 423 -22.89 -6.94 17.15
N GLY C 424 -22.72 -8.23 16.91
CA GLY C 424 -22.31 -8.74 15.62
C GLY C 424 -23.40 -8.74 14.56
N CYS C 425 -24.61 -8.33 14.96
CA CYS C 425 -25.71 -8.17 14.01
C CYS C 425 -25.79 -6.74 13.43
N ASN C 426 -24.86 -5.87 13.82
CA ASN C 426 -24.78 -4.50 13.28
C ASN C 426 -23.92 -4.43 12.03
N TRP C 427 -24.55 -4.08 10.91
CA TRP C 427 -23.87 -4.04 9.64
C TRP C 427 -23.87 -2.65 9.01
N GLN C 428 -22.84 -2.37 8.23
CA GLN C 428 -22.84 -1.17 7.42
C GLN C 428 -22.42 -1.54 6.01
N PHE C 429 -23.04 -0.84 5.06
CA PHE C 429 -22.79 -1.03 3.66
C PHE C 429 -21.87 0.08 3.14
N ILE C 430 -20.77 -0.34 2.52
CA ILE C 430 -19.72 0.53 2.01
C ILE C 430 -19.67 0.58 0.49
N PRO C 431 -20.18 1.67 -0.12
CA PRO C 431 -20.00 1.82 -1.57
C PRO C 431 -18.65 2.43 -1.86
N LYS C 432 -18.11 2.21 -3.06
CA LYS C 432 -16.97 2.99 -3.49
C LYS C 432 -17.36 4.46 -3.43
N ASP C 433 -16.43 5.28 -2.97
CA ASP C 433 -16.66 6.71 -2.80
C ASP C 433 -15.36 7.45 -3.13
N GLU C 434 -15.49 8.53 -3.90
CA GLU C 434 -14.30 9.27 -4.35
C GLU C 434 -13.53 9.92 -3.21
N GLY C 435 -14.16 10.01 -2.04
CA GLY C 435 -13.50 10.49 -0.85
C GLY C 435 -12.75 9.41 -0.07
N TRP C 436 -12.67 8.20 -0.61
CA TRP C 436 -11.89 7.13 0.02
C TRP C 436 -11.11 6.33 -1.02
N THR C 437 -9.81 6.57 -1.09
CA THR C 437 -8.98 5.80 -2.00
C THR C 437 -8.00 5.00 -1.17
N GLU C 438 -7.72 3.76 -1.59
CA GLU C 438 -6.82 2.87 -0.87
C GLU C 438 -6.02 2.01 -1.86
N SER D 21 -22.16 -24.83 -7.36
CA SER D 21 -21.11 -25.82 -7.65
C SER D 21 -21.15 -26.26 -9.11
N GLN D 22 -20.05 -26.00 -9.83
CA GLN D 22 -19.95 -26.26 -11.28
C GLN D 22 -20.95 -25.42 -12.09
N VAL D 23 -21.53 -24.42 -11.44
CA VAL D 23 -22.40 -23.47 -12.12
C VAL D 23 -21.56 -22.42 -12.86
N GLN D 24 -21.84 -22.22 -14.15
CA GLN D 24 -21.05 -21.29 -14.93
C GLN D 24 -21.86 -20.63 -16.02
N LEU D 25 -21.40 -19.46 -16.43
CA LEU D 25 -22.07 -18.64 -17.42
C LEU D 25 -21.07 -18.22 -18.47
N VAL D 26 -21.07 -18.90 -19.60
CA VAL D 26 -20.04 -18.69 -20.61
C VAL D 26 -20.59 -18.08 -21.90
N GLU D 27 -19.75 -17.26 -22.53
CA GLU D 27 -20.10 -16.56 -23.76
C GLU D 27 -19.60 -17.33 -24.98
N SER D 28 -20.27 -17.16 -26.12
CA SER D 28 -19.79 -17.74 -27.39
C SER D 28 -20.42 -17.06 -28.59
N GLY D 29 -20.03 -17.46 -29.80
CA GLY D 29 -20.59 -16.91 -31.02
C GLY D 29 -19.89 -15.66 -31.54
N GLY D 30 -18.77 -15.31 -30.91
CA GLY D 30 -17.96 -14.22 -31.41
C GLY D 30 -17.36 -14.59 -32.75
N GLY D 31 -16.71 -13.62 -33.39
CA GLY D 31 -16.16 -13.86 -34.70
C GLY D 31 -15.50 -12.63 -35.31
N LEU D 32 -14.93 -12.83 -36.49
CA LEU D 32 -14.24 -11.77 -37.22
C LEU D 32 -14.99 -11.51 -38.52
N VAL D 33 -15.56 -10.33 -38.66
CA VAL D 33 -16.41 -10.07 -39.81
C VAL D 33 -16.12 -8.70 -40.44
N GLN D 34 -16.68 -8.47 -41.62
CA GLN D 34 -16.62 -7.16 -42.28
C GLN D 34 -17.81 -6.33 -41.84
N PRO D 35 -17.70 -4.99 -41.96
CA PRO D 35 -18.85 -4.15 -41.61
C PRO D 35 -20.11 -4.58 -42.36
N GLY D 36 -21.26 -4.53 -41.68
CA GLY D 36 -22.52 -4.94 -42.31
C GLY D 36 -22.96 -6.37 -42.00
N GLU D 37 -22.00 -7.28 -41.83
CA GLU D 37 -22.34 -8.66 -41.49
C GLU D 37 -23.01 -8.76 -40.11
N SER D 38 -23.45 -9.97 -39.76
CA SER D 38 -24.14 -10.20 -38.48
C SER D 38 -23.43 -11.27 -37.67
N LEU D 39 -23.67 -11.23 -36.37
CA LEU D 39 -23.24 -12.30 -35.47
C LEU D 39 -24.33 -12.54 -34.44
N ARG D 40 -24.32 -13.73 -33.85
CA ARG D 40 -25.24 -14.00 -32.75
C ARG D 40 -24.45 -14.61 -31.61
N LEU D 41 -24.43 -13.91 -30.48
CA LEU D 41 -23.72 -14.37 -29.30
C LEU D 41 -24.66 -15.17 -28.43
N SER D 42 -24.09 -16.09 -27.66
CA SER D 42 -24.89 -16.88 -26.76
C SER D 42 -24.30 -16.76 -25.39
N CYS D 43 -25.18 -16.76 -24.40
CA CYS D 43 -24.80 -16.77 -23.00
C CYS D 43 -25.42 -18.00 -22.35
N GLY D 44 -24.67 -19.11 -22.28
CA GLY D 44 -25.20 -20.35 -21.76
C GLY D 44 -24.94 -20.57 -20.27
N ALA D 45 -26.01 -20.78 -19.51
CA ALA D 45 -25.89 -21.16 -18.11
C ALA D 45 -25.83 -22.68 -17.95
N SER D 46 -24.92 -23.14 -17.10
CA SER D 46 -24.90 -24.52 -16.62
C SER D 46 -25.10 -24.46 -15.12
N GLY D 47 -25.86 -25.39 -14.57
CA GLY D 47 -26.16 -25.34 -13.15
C GLY D 47 -26.91 -24.08 -12.76
N MET D 48 -27.65 -23.52 -13.71
CA MET D 48 -28.58 -22.43 -13.42
C MET D 48 -29.85 -22.59 -14.21
N SER D 49 -30.82 -21.77 -13.84
CA SER D 49 -32.07 -21.69 -14.56
C SER D 49 -32.35 -20.24 -14.77
N LEU D 50 -32.40 -19.83 -16.03
CA LEU D 50 -32.58 -18.42 -16.32
C LEU D 50 -34.02 -17.93 -16.03
N ASP D 51 -34.88 -18.84 -15.59
CA ASP D 51 -36.23 -18.51 -15.10
C ASP D 51 -36.21 -17.35 -14.12
N TYR D 52 -35.21 -17.35 -13.25
CA TYR D 52 -35.12 -16.41 -12.15
C TYR D 52 -34.12 -15.28 -12.45
N TYR D 53 -33.57 -15.26 -13.66
CA TYR D 53 -32.52 -14.28 -13.99
C TYR D 53 -32.83 -13.30 -15.11
N ALA D 54 -32.21 -12.12 -15.02
CA ALA D 54 -32.21 -11.12 -16.07
C ALA D 54 -30.78 -11.02 -16.59
N ILE D 55 -30.62 -11.12 -17.90
CA ILE D 55 -29.29 -11.24 -18.49
C ILE D 55 -28.81 -9.89 -19.05
N ALA D 56 -27.53 -9.59 -18.87
CA ALA D 56 -26.96 -8.36 -19.39
C ALA D 56 -25.73 -8.67 -20.22
N TRP D 57 -25.52 -7.91 -21.28
CA TRP D 57 -24.31 -8.05 -22.04
C TRP D 57 -23.49 -6.78 -21.86
N TYR D 58 -22.19 -6.94 -21.83
CA TYR D 58 -21.27 -5.85 -21.69
C TYR D 58 -20.23 -6.00 -22.74
N ARG D 59 -19.43 -4.98 -22.96
CA ARG D 59 -18.34 -5.09 -23.89
C ARG D 59 -17.13 -4.28 -23.49
N GLN D 60 -15.97 -4.70 -23.92
CA GLN D 60 -14.74 -3.99 -23.64
C GLN D 60 -13.69 -4.18 -24.69
N ALA D 61 -13.31 -3.09 -25.32
CA ALA D 61 -12.19 -3.04 -26.23
C ALA D 61 -10.96 -2.61 -25.47
N PRO D 62 -9.78 -2.95 -25.94
CA PRO D 62 -8.57 -2.48 -25.27
C PRO D 62 -8.21 -1.05 -25.69
N GLY D 63 -7.79 -0.21 -24.76
CA GLY D 63 -7.93 -0.44 -23.35
C GLY D 63 -8.98 0.55 -22.90
N LYS D 64 -10.05 0.64 -23.69
CA LYS D 64 -11.19 1.49 -23.40
C LYS D 64 -11.94 1.03 -22.15
N GLU D 65 -12.99 1.75 -21.77
CA GLU D 65 -13.75 1.36 -20.59
C GLU D 65 -14.88 0.39 -20.97
N ARG D 66 -15.03 -0.64 -20.15
CA ARG D 66 -16.17 -1.52 -20.22
C ARG D 66 -17.47 -0.71 -20.24
N GLU D 67 -18.36 -1.03 -21.15
CA GLU D 67 -19.68 -0.39 -21.16
C GLU D 67 -20.77 -1.46 -21.23
N GLY D 68 -21.90 -1.17 -20.58
CA GLY D 68 -23.07 -2.02 -20.68
C GLY D 68 -23.69 -1.89 -22.07
N VAL D 69 -24.10 -3.02 -22.64
CA VAL D 69 -24.60 -3.06 -24.01
C VAL D 69 -26.10 -3.28 -24.08
N SER D 70 -26.57 -4.25 -23.30
CA SER D 70 -27.98 -4.61 -23.32
C SER D 70 -28.34 -5.37 -22.04
N CYS D 71 -29.61 -5.28 -21.64
CA CYS D 71 -30.07 -6.09 -20.52
C CYS D 71 -31.53 -6.44 -20.75
N ILE D 72 -31.86 -7.69 -20.46
CA ILE D 72 -33.22 -8.16 -20.67
C ILE D 72 -33.73 -8.61 -19.32
N SER D 73 -34.96 -8.22 -19.01
CA SER D 73 -35.59 -8.53 -17.73
C SER D 73 -35.78 -10.04 -17.53
N VAL D 74 -36.05 -10.43 -16.29
CA VAL D 74 -36.34 -11.81 -15.95
C VAL D 74 -37.48 -12.34 -16.81
N SER D 75 -38.56 -11.58 -16.89
CA SER D 75 -39.74 -12.01 -17.66
C SER D 75 -39.47 -12.09 -19.16
N GLY D 76 -38.51 -11.30 -19.62
CA GLY D 76 -38.17 -11.23 -21.03
C GLY D 76 -38.95 -10.17 -21.80
N SER D 77 -39.80 -9.42 -21.10
CA SER D 77 -40.66 -8.45 -21.78
C SER D 77 -40.01 -7.06 -21.93
N SER D 78 -39.04 -6.75 -21.06
CA SER D 78 -38.37 -5.46 -21.08
C SER D 78 -36.91 -5.62 -21.47
N ALA D 79 -36.54 -4.96 -22.56
CA ALA D 79 -35.16 -4.93 -22.98
C ALA D 79 -34.64 -3.49 -22.93
N GLN D 80 -33.36 -3.37 -22.62
CA GLN D 80 -32.69 -2.08 -22.53
C GLN D 80 -31.41 -2.11 -23.38
N TYR D 81 -31.08 -0.99 -24.02
CA TYR D 81 -29.96 -0.96 -24.97
C TYR D 81 -29.05 0.28 -24.85
N LEU D 82 -27.75 0.07 -24.96
CA LEU D 82 -26.81 1.17 -25.20
C LEU D 82 -27.23 1.93 -26.46
N ASP D 83 -27.30 3.25 -26.39
CA ASP D 83 -27.85 4.06 -27.49
C ASP D 83 -27.27 3.77 -28.88
N SER D 84 -26.00 3.40 -28.93
CA SER D 84 -25.31 3.23 -30.20
C SER D 84 -25.54 1.86 -30.85
N VAL D 85 -26.24 0.96 -30.16
CA VAL D 85 -26.53 -0.35 -30.72
C VAL D 85 -28.03 -0.58 -30.90
N ARG D 86 -28.82 0.43 -30.56
CA ARG D 86 -30.28 0.33 -30.63
C ARG D 86 -30.77 -0.11 -32.02
N GLY D 87 -31.76 -1.01 -32.05
CA GLY D 87 -32.30 -1.50 -33.30
C GLY D 87 -31.43 -2.54 -33.99
N ARG D 88 -30.11 -2.27 -34.08
CA ARG D 88 -29.16 -3.18 -34.71
C ARG D 88 -29.04 -4.47 -33.93
N PHE D 89 -28.96 -4.32 -32.62
CA PHE D 89 -28.77 -5.42 -31.69
C PHE D 89 -30.14 -5.81 -31.13
N ILE D 90 -30.35 -7.11 -30.98
CA ILE D 90 -31.54 -7.60 -30.30
C ILE D 90 -31.14 -8.64 -29.27
N ILE D 91 -31.56 -8.42 -28.03
CA ILE D 91 -31.30 -9.34 -26.95
C ILE D 91 -32.54 -10.22 -26.71
N SER D 92 -32.30 -11.48 -26.39
CA SER D 92 -33.37 -12.42 -26.08
C SER D 92 -32.86 -13.49 -25.14
N LYS D 93 -33.79 -14.26 -24.59
CA LYS D 93 -33.47 -15.20 -23.53
C LYS D 93 -34.39 -16.41 -23.66
N ASP D 94 -33.81 -17.61 -23.66
CA ASP D 94 -34.59 -18.85 -23.69
C ASP D 94 -34.41 -19.59 -22.38
N ASN D 95 -35.44 -19.56 -21.55
CA ASN D 95 -35.35 -20.18 -20.23
C ASN D 95 -35.08 -21.69 -20.27
N THR D 96 -35.76 -22.39 -21.17
CA THR D 96 -35.63 -23.85 -21.19
C THR D 96 -34.25 -24.26 -21.69
N LYS D 97 -33.68 -23.51 -22.63
CA LYS D 97 -32.37 -23.85 -23.13
C LYS D 97 -31.24 -23.25 -22.29
N SER D 98 -31.60 -22.58 -21.20
CA SER D 98 -30.65 -21.95 -20.29
C SER D 98 -29.71 -20.98 -21.01
N THR D 99 -30.22 -20.36 -22.07
CA THR D 99 -29.38 -19.57 -22.94
C THR D 99 -30.01 -18.22 -23.24
N ALA D 100 -29.20 -17.17 -23.23
CA ALA D 100 -29.64 -15.85 -23.68
C ALA D 100 -28.84 -15.47 -24.91
N TYR D 101 -29.36 -14.54 -25.72
CA TYR D 101 -28.70 -14.23 -26.98
C TYR D 101 -28.58 -12.74 -27.25
N LEU D 102 -27.47 -12.34 -27.87
CA LEU D 102 -27.37 -11.02 -28.44
C LEU D 102 -27.25 -11.13 -29.94
N GLN D 103 -28.33 -10.81 -30.65
CA GLN D 103 -28.29 -10.79 -32.11
C GLN D 103 -27.69 -9.46 -32.54
N MET D 104 -26.57 -9.49 -33.27
CA MET D 104 -25.88 -8.27 -33.67
C MET D 104 -25.91 -8.04 -35.18
N ASN D 105 -26.83 -7.20 -35.62
CA ASN D 105 -26.96 -6.94 -37.05
C ASN D 105 -26.18 -5.70 -37.45
N SER D 106 -25.92 -5.58 -38.76
CA SER D 106 -25.25 -4.41 -39.35
C SER D 106 -24.06 -3.92 -38.51
N LEU D 107 -23.04 -4.76 -38.42
CA LEU D 107 -21.93 -4.49 -37.52
C LEU D 107 -21.01 -3.40 -38.06
N LYS D 108 -20.36 -2.69 -37.14
CA LYS D 108 -19.47 -1.58 -37.48
C LYS D 108 -18.12 -1.79 -36.82
N PRO D 109 -17.06 -1.14 -37.36
CA PRO D 109 -15.75 -1.19 -36.69
C PRO D 109 -15.81 -0.84 -35.19
N GLU D 110 -16.66 0.12 -34.84
CA GLU D 110 -16.79 0.56 -33.45
C GLU D 110 -17.39 -0.49 -32.50
N ASP D 111 -17.96 -1.56 -33.06
CA ASP D 111 -18.47 -2.68 -32.25
C ASP D 111 -17.38 -3.70 -31.86
N THR D 112 -16.15 -3.49 -32.33
CA THR D 112 -15.04 -4.39 -32.01
C THR D 112 -14.77 -4.39 -30.52
N ALA D 113 -14.88 -5.56 -29.88
CA ALA D 113 -14.67 -5.69 -28.43
C ALA D 113 -14.71 -7.15 -27.99
N VAL D 114 -14.37 -7.38 -26.72
CA VAL D 114 -14.69 -8.64 -26.09
C VAL D 114 -16.02 -8.44 -25.40
N TYR D 115 -16.96 -9.37 -25.63
CA TYR D 115 -18.30 -9.28 -25.06
C TYR D 115 -18.49 -10.27 -23.95
N TYR D 116 -19.00 -9.78 -22.83
CA TYR D 116 -19.19 -10.56 -21.63
C TYR D 116 -20.65 -10.55 -21.24
N CYS D 117 -21.13 -11.62 -20.60
CA CYS D 117 -22.50 -11.59 -20.10
C CYS D 117 -22.52 -11.75 -18.59
N ALA D 118 -23.63 -11.38 -17.96
CA ALA D 118 -23.79 -11.48 -16.51
C ALA D 118 -25.23 -11.86 -16.19
N ALA D 119 -25.42 -12.65 -15.12
CA ALA D 119 -26.75 -13.05 -14.68
C ALA D 119 -27.21 -12.24 -13.45
N LEU D 120 -28.24 -11.41 -13.64
CA LEU D 120 -28.65 -10.45 -12.63
C LEU D 120 -30.06 -10.73 -12.11
N ALA D 121 -30.33 -10.25 -10.89
CA ALA D 121 -31.68 -10.31 -10.35
C ALA D 121 -32.59 -9.31 -11.05
N ASP D 122 -32.01 -8.24 -11.58
CA ASP D 122 -32.80 -7.17 -12.18
C ASP D 122 -31.87 -6.34 -13.07
N CYS D 123 -32.47 -5.59 -14.00
CA CYS D 123 -31.71 -4.77 -14.93
C CYS D 123 -31.37 -3.42 -14.34
N ALA D 124 -32.05 -3.09 -13.24
CA ALA D 124 -31.85 -1.81 -12.59
C ALA D 124 -30.39 -1.67 -12.18
N GLY D 125 -29.72 -0.67 -12.75
CA GLY D 125 -28.36 -0.36 -12.38
C GLY D 125 -27.30 -1.19 -13.09
N TYR D 126 -27.72 -2.03 -14.05
CA TYR D 126 -26.82 -2.99 -14.69
C TYR D 126 -25.61 -2.29 -15.33
N ALA D 127 -25.83 -1.09 -15.89
CA ALA D 127 -24.77 -0.41 -16.63
C ALA D 127 -23.64 0.11 -15.74
N SER D 128 -23.87 0.18 -14.43
CA SER D 128 -22.89 0.69 -13.46
C SER D 128 -22.14 -0.41 -12.71
N LEU D 129 -22.57 -1.65 -12.86
CA LEU D 129 -21.96 -2.78 -12.17
C LEU D 129 -20.49 -2.90 -12.57
N THR D 130 -19.64 -3.32 -11.64
CA THR D 130 -18.21 -3.23 -11.84
C THR D 130 -17.52 -4.57 -11.99
N PHE D 131 -18.17 -5.51 -12.67
CA PHE D 131 -17.61 -6.83 -12.94
C PHE D 131 -16.18 -6.72 -13.47
N ASP D 132 -15.24 -7.39 -12.80
CA ASP D 132 -13.87 -7.35 -13.24
C ASP D 132 -13.62 -8.37 -14.36
N PHE D 133 -14.37 -8.22 -15.45
CA PHE D 133 -14.27 -9.08 -16.63
C PHE D 133 -12.84 -9.23 -17.11
N ASP D 134 -12.12 -8.11 -17.21
CA ASP D 134 -10.77 -8.11 -17.77
C ASP D 134 -9.85 -9.10 -17.05
N SER D 135 -10.10 -9.35 -15.77
CA SER D 135 -9.17 -10.18 -15.03
C SER D 135 -9.62 -11.64 -14.95
N TRP D 136 -10.90 -11.90 -14.68
CA TRP D 136 -11.37 -13.28 -14.57
C TRP D 136 -12.35 -13.70 -15.66
N GLY D 137 -12.78 -12.75 -16.47
CA GLY D 137 -13.75 -13.04 -17.51
C GLY D 137 -13.23 -13.96 -18.60
N GLN D 138 -14.16 -14.60 -19.27
CA GLN D 138 -13.85 -15.41 -20.43
C GLN D 138 -14.16 -14.57 -21.67
N GLY D 139 -15.44 -14.28 -21.86
CA GLY D 139 -15.88 -13.45 -22.97
C GLY D 139 -15.86 -14.17 -24.31
N THR D 140 -16.46 -13.52 -25.31
CA THR D 140 -16.31 -13.97 -26.68
C THR D 140 -15.92 -12.74 -27.51
N GLN D 141 -15.01 -12.94 -28.45
CA GLN D 141 -14.35 -11.83 -29.10
C GLN D 141 -15.02 -11.49 -30.43
N VAL D 142 -15.37 -10.22 -30.58
CA VAL D 142 -16.00 -9.69 -31.78
C VAL D 142 -15.13 -8.63 -32.43
N ALA D 143 -14.78 -8.81 -33.69
CA ALA D 143 -14.00 -7.82 -34.40
C ALA D 143 -14.54 -7.58 -35.80
N VAL D 144 -14.57 -6.31 -36.18
CA VAL D 144 -15.21 -5.88 -37.41
C VAL D 144 -14.24 -5.00 -38.18
N SER D 145 -13.59 -5.57 -39.19
CA SER D 145 -12.66 -4.81 -40.01
C SER D 145 -12.81 -5.19 -41.47
N SER D 146 -12.72 -4.21 -42.35
CA SER D 146 -12.86 -4.43 -43.79
C SER D 146 -11.51 -4.68 -44.45
N ALA D 147 -11.54 -5.39 -45.59
CA ALA D 147 -10.34 -5.63 -46.38
C ALA D 147 -9.77 -4.33 -46.95
N HIS D 148 -8.52 -4.04 -46.62
CA HIS D 148 -7.83 -2.84 -47.10
C HIS D 148 -6.41 -3.14 -47.55
#